data_5UKL
#
_entry.id   5UKL
#
_cell.length_a   194.255
_cell.length_b   71.429
_cell.length_c   111.259
_cell.angle_alpha   90.000
_cell.angle_beta   110.510
_cell.angle_gamma   90.000
#
_symmetry.space_group_name_H-M   'C 1 2 1'
#
loop_
_entity.id
_entity.type
_entity.pdbx_description
1 polymer 'Beta-adrenergic receptor kinase 1'
2 polymer 'Guanine nucleotide-binding protein G(I)/G(S)/G(T) subunit beta-1'
3 polymer 'Guanine nucleotide-binding protein G(I)/G(S)/G(O) subunit gamma-2'
4 non-polymer 'MAGNESIUM ION'
5 non-polymer 2-{5-[(3S,4R)-3-{[(2H-1,3-benzodioxol-5-yl)oxy]methyl}piperidin-4-yl]-2-fluorophenyl}-N-[2-(1H-pyrazol-4-yl)ethyl]acetamide
6 water water
#
loop_
_entity_poly.entity_id
_entity_poly.type
_entity_poly.pdbx_seq_one_letter_code
_entity_poly.pdbx_strand_id
1 'polypeptide(L)'
;KKILLPEPSIRSVMQKYLEDRGEVTFEKIFSQKLGYLLFRDFCLNHLEEARPLVEFYEEIKKYEKLETEEERVARSREIF
DSYIMKELLACSHPFSKSATEHVQGHLGKKQVPPDLFQPYIEEICQNLRGDVFQKFIESDKFTRFCQWKNVELNIHLTMN
DFSVHRIIGRGGFGEVYGCRKADTGKMYAMKCLDKKRIKMKQGETLALNERIMLSLVSTGDCPFIVCMSYAFHTPDKLSF
ILDLMNGGDLHYHLSQHGVFSEADMRFYAAEIILGLEHMHNRFVVYRDLKPANILLDEHGHVRISDLGLACDFSKKKPHA
SVGTHGYMAPEVLQKGVAYDSSADWFSLGCMLFKLLRGHSPFRQHKTKDKHEIDRMTLTMAVELPDSFSPELRSLLEGLL
QRDVNRRLGCLGRGAQEVKESPFFRSLDWQMVFLQKYPPPLIPPRGEVNAADAFDIGSFDEEDTKGIKLLDSDQELYRNF
PLTISERWQQEVAETVFDTINAETDRLEARKKAKNKQLGHEEDYALGKDCIMHGYMSKMGNPFLTQWQRRYFYLFPNRLE
WRGEGEAPQSLLTMEEIQSVEETQIKERKCLLLKIRGGKQFILQCDSDPELVQWKKELRDAYREAQQLVQRVPKMKNKPR
AP
;
A
2 'polypeptide(L)'
;SELDQLRQEAEQLKNQIRDARKACADATLSQITNNIDPVGRIQMRTRRTLRGHLAKIYAMHWGTDSRLLVSASQDGKLII
WDSYTTNKVHAIPLRSSWVMTCAYAPSGNYVACGGLDNICSIYNLKTREGNVRVSRELAGHTGYLSCCRFLDDNQIVTSS
GDTTCALWDIETGQQTTTFTGHTGDVMSLSLAPDTRLFVSGACDASAKLWDVREGMCRQTFTGHESDINAICFFPNGNAF
ATGSDDATCRLFDLRADQELMTYSHDNIICGITSVSFSKSGRLLLAGYDDFNCNVWDALKADRAGVLAGHDNRVSCLGVT
DDGMAVATGSWDSFLKIWN
;
B
3 'polypeptide(L)' SIAQARKLVEQLKMEANIDRIKVSKAAADLMAYCEAHAKEDPLLTPVPASENPFREKKFFCA G
#
# COMPACT_ATOMS: atom_id res chain seq x y z
N LYS A 2 -9.30 -24.89 11.88
CA LYS A 2 -9.59 -24.69 10.44
C LYS A 2 -9.35 -23.26 9.87
N ILE A 3 -9.09 -23.18 8.57
CA ILE A 3 -8.72 -21.90 7.91
C ILE A 3 -9.91 -20.93 7.90
N LEU A 4 -9.71 -19.73 8.37
CA LEU A 4 -10.75 -18.71 8.26
C LEU A 4 -10.11 -17.61 7.42
N LEU A 5 -10.72 -17.26 6.30
CA LEU A 5 -10.11 -16.21 5.50
C LEU A 5 -10.39 -14.81 6.09
N PRO A 6 -9.40 -13.93 6.06
CA PRO A 6 -9.70 -12.53 6.32
C PRO A 6 -10.73 -11.98 5.34
N GLU A 7 -11.30 -10.85 5.67
CA GLU A 7 -12.41 -10.24 4.91
C GLU A 7 -11.90 -9.60 3.66
N PRO A 8 -12.80 -9.26 2.73
CA PRO A 8 -12.27 -8.84 1.42
C PRO A 8 -11.48 -7.54 1.45
N SER A 9 -11.74 -6.69 2.44
CA SER A 9 -11.03 -5.42 2.52
C SER A 9 -9.55 -5.64 2.80
N ILE A 10 -9.16 -6.87 3.19
CA ILE A 10 -7.75 -7.22 3.21
C ILE A 10 -7.02 -6.84 1.93
N ARG A 11 -7.77 -6.72 0.84
CA ARG A 11 -7.19 -6.38 -0.48
C ARG A 11 -6.47 -5.05 -0.50
N SER A 12 -7.05 -4.08 0.26
CA SER A 12 -6.45 -2.77 0.31
C SER A 12 -4.99 -2.84 0.72
N VAL A 13 -4.63 -3.64 1.72
CA VAL A 13 -3.24 -3.80 2.16
C VAL A 13 -2.47 -4.75 1.25
N MET A 14 -3.07 -5.90 0.94
CA MET A 14 -2.35 -6.93 0.15
C MET A 14 -2.01 -6.53 -1.29
N GLN A 15 -2.91 -5.83 -1.97
CA GLN A 15 -2.64 -5.43 -3.31
C GLN A 15 -1.39 -4.60 -3.34
N LYS A 16 -1.28 -3.72 -2.40
CA LYS A 16 -0.15 -2.85 -2.33
C LYS A 16 1.14 -3.55 -1.95
N TYR A 17 1.04 -4.46 -1.01
CA TYR A 17 2.16 -5.22 -0.54
C TYR A 17 2.72 -6.07 -1.68
N LEU A 18 1.83 -6.70 -2.45
CA LEU A 18 2.23 -7.49 -3.65
C LEU A 18 2.75 -6.64 -4.81
N GLU A 19 2.16 -5.46 -5.07
CA GLU A 19 2.64 -4.58 -6.13
C GLU A 19 4.02 -4.08 -5.84
N ASP A 20 4.29 -3.77 -4.58
CA ASP A 20 5.59 -3.27 -4.18
C ASP A 20 6.67 -4.33 -4.41
N ARG A 21 6.34 -5.60 -4.39
CA ARG A 21 7.28 -6.69 -4.68
C ARG A 21 7.21 -7.19 -6.10
N GLY A 22 6.58 -6.45 -7.01
CA GLY A 22 6.47 -6.95 -8.42
C GLY A 22 5.66 -8.23 -8.61
N GLU A 23 4.77 -8.57 -7.66
CA GLU A 23 4.10 -9.84 -7.65
C GLU A 23 2.73 -9.87 -8.37
N VAL A 24 2.26 -8.77 -8.95
CA VAL A 24 0.92 -8.72 -9.53
C VAL A 24 1.16 -8.61 -11.03
N THR A 25 1.64 -9.69 -11.63
CA THR A 25 1.80 -9.82 -13.05
C THR A 25 1.16 -11.14 -13.48
N PHE A 26 0.92 -11.22 -14.77
CA PHE A 26 0.25 -12.39 -15.33
C PHE A 26 1.09 -13.63 -15.00
N GLU A 27 2.38 -13.52 -15.24
CA GLU A 27 3.29 -14.63 -15.02
C GLU A 27 3.36 -15.10 -13.52
N LYS A 28 3.38 -14.16 -12.59
CA LYS A 28 3.54 -14.52 -11.17
C LYS A 28 2.30 -15.14 -10.64
N ILE A 29 1.15 -14.68 -11.04
CA ILE A 29 -0.14 -15.19 -10.55
C ILE A 29 -0.57 -16.46 -11.29
N PHE A 30 -0.47 -16.45 -12.62
CA PHE A 30 -0.92 -17.57 -13.38
C PHE A 30 -0.10 -18.82 -13.02
N SER A 31 1.16 -18.67 -12.64
CA SER A 31 1.96 -19.87 -12.34
C SER A 31 1.83 -20.32 -10.90
N GLN A 32 1.03 -19.63 -10.06
CA GLN A 32 0.76 -20.14 -8.74
C GLN A 32 -0.46 -20.98 -8.81
N LYS A 33 -0.53 -22.14 -8.11
CA LYS A 33 -1.72 -23.00 -8.23
C LYS A 33 -3.02 -22.27 -7.84
N LEU A 34 -3.04 -21.59 -6.71
CA LEU A 34 -4.27 -20.85 -6.34
C LEU A 34 -4.53 -19.64 -7.27
N GLY A 35 -3.47 -19.03 -7.78
CA GLY A 35 -3.58 -17.94 -8.71
C GLY A 35 -4.29 -18.46 -9.95
N TYR A 36 -3.76 -19.56 -10.49
CA TYR A 36 -4.37 -20.18 -11.69
C TYR A 36 -5.84 -20.52 -11.46
N LEU A 37 -6.16 -21.17 -10.35
CA LEU A 37 -7.54 -21.59 -10.06
C LEU A 37 -8.50 -20.39 -9.99
N LEU A 38 -8.03 -19.27 -9.46
CA LEU A 38 -8.94 -18.14 -9.31
C LEU A 38 -9.02 -17.41 -10.69
N PHE A 39 -7.92 -17.33 -11.42
CA PHE A 39 -7.97 -16.74 -12.74
C PHE A 39 -8.89 -17.55 -13.69
N ARG A 40 -8.85 -18.87 -13.58
CA ARG A 40 -9.65 -19.77 -14.41
C ARG A 40 -11.13 -19.55 -14.11
N ASP A 41 -11.44 -19.59 -12.83
CA ASP A 41 -12.76 -19.27 -12.36
C ASP A 41 -13.20 -17.93 -12.96
N PHE A 42 -12.36 -16.91 -12.84
CA PHE A 42 -12.70 -15.59 -13.40
C PHE A 42 -13.04 -15.71 -14.92
N CYS A 43 -12.20 -16.42 -15.67
CA CYS A 43 -12.34 -16.45 -17.13
C CYS A 43 -13.51 -17.31 -17.60
N LEU A 44 -13.69 -18.47 -16.96
CA LEU A 44 -14.75 -19.40 -17.38
C LEU A 44 -16.15 -18.84 -17.04
N ASN A 45 -16.24 -18.16 -15.89
CA ASN A 45 -17.53 -17.78 -15.35
C ASN A 45 -17.90 -16.30 -15.46
N HIS A 46 -16.99 -15.38 -15.76
CA HIS A 46 -17.27 -13.97 -15.66
C HIS A 46 -16.71 -13.10 -16.76
N LEU A 47 -16.25 -13.67 -17.85
CA LEU A 47 -15.59 -12.92 -18.93
C LEU A 47 -15.59 -13.76 -20.23
N GLU A 48 -16.68 -13.54 -20.97
CA GLU A 48 -17.02 -14.33 -22.09
C GLU A 48 -15.90 -14.40 -23.12
N GLU A 49 -15.31 -13.26 -23.46
CA GLU A 49 -14.19 -13.23 -24.41
C GLU A 49 -12.98 -14.15 -24.02
N ALA A 50 -12.79 -14.42 -22.73
CA ALA A 50 -11.63 -15.24 -22.29
C ALA A 50 -11.98 -16.69 -22.11
N ARG A 51 -13.24 -17.01 -21.90
CA ARG A 51 -13.67 -18.40 -21.58
C ARG A 51 -13.15 -19.51 -22.56
N PRO A 52 -13.35 -19.33 -23.86
CA PRO A 52 -12.86 -20.41 -24.76
C PRO A 52 -11.33 -20.56 -24.73
N LEU A 53 -10.57 -19.46 -24.54
CA LEU A 53 -9.14 -19.53 -24.43
C LEU A 53 -8.73 -20.43 -23.30
N VAL A 54 -9.36 -20.24 -22.15
CA VAL A 54 -9.08 -21.03 -20.97
C VAL A 54 -9.57 -22.49 -21.04
N GLU A 55 -10.74 -22.75 -21.62
CA GLU A 55 -11.22 -24.12 -21.88
C GLU A 55 -10.30 -24.89 -22.77
N PHE A 56 -9.87 -24.24 -23.86
CA PHE A 56 -8.86 -24.82 -24.75
C PHE A 56 -7.58 -25.10 -24.01
N TYR A 57 -7.13 -24.11 -23.23
CA TYR A 57 -5.95 -24.26 -22.41
C TYR A 57 -6.08 -25.53 -21.52
N GLU A 58 -7.23 -25.73 -20.89
CA GLU A 58 -7.38 -26.95 -20.03
C GLU A 58 -7.49 -28.27 -20.78
N GLU A 59 -8.15 -28.27 -21.93
CA GLU A 59 -8.08 -29.45 -22.78
C GLU A 59 -6.64 -29.84 -23.06
N ILE A 60 -5.77 -28.86 -23.30
CA ILE A 60 -4.43 -29.20 -23.72
C ILE A 60 -3.68 -29.75 -22.50
N LYS A 61 -3.96 -29.15 -21.34
CA LYS A 61 -3.38 -29.62 -20.06
C LYS A 61 -3.76 -31.06 -19.75
N LYS A 62 -5.00 -31.46 -20.04
CA LYS A 62 -5.39 -32.87 -19.94
C LYS A 62 -4.71 -33.72 -21.00
N TYR A 63 -4.56 -33.20 -22.20
CA TYR A 63 -3.92 -33.96 -23.25
C TYR A 63 -2.47 -34.31 -22.89
N GLU A 64 -1.81 -33.35 -22.26
CA GLU A 64 -0.39 -33.44 -21.93
C GLU A 64 -0.10 -34.63 -21.00
N LYS A 65 -1.07 -34.96 -20.13
CA LYS A 65 -0.93 -35.96 -19.07
C LYS A 65 -1.36 -37.35 -19.49
N LEU A 66 -1.47 -37.61 -20.78
CA LEU A 66 -2.05 -38.86 -21.27
C LEU A 66 -0.90 -39.83 -21.60
N GLU A 67 -1.00 -41.02 -20.99
CA GLU A 67 0.16 -41.91 -20.84
C GLU A 67 0.51 -42.58 -22.22
N THR A 68 -0.50 -43.06 -22.95
CA THR A 68 -0.20 -43.81 -24.19
C THR A 68 -0.21 -42.95 -25.48
N GLU A 69 0.54 -43.35 -26.49
CA GLU A 69 0.50 -42.72 -27.80
C GLU A 69 -0.89 -42.90 -28.51
N GLU A 70 -1.53 -44.05 -28.29
CA GLU A 70 -2.88 -44.31 -28.79
C GLU A 70 -3.92 -43.33 -28.18
N GLU A 71 -3.81 -43.06 -26.88
CA GLU A 71 -4.69 -42.09 -26.20
C GLU A 71 -4.55 -40.66 -26.81
N ARG A 72 -3.32 -40.25 -27.05
CA ARG A 72 -2.99 -38.97 -27.63
C ARG A 72 -3.24 -38.87 -29.12
N VAL A 73 -3.17 -39.97 -29.87
CA VAL A 73 -3.67 -39.96 -31.23
C VAL A 73 -5.19 -39.71 -31.19
N ALA A 74 -5.89 -40.43 -30.33
CA ALA A 74 -7.34 -40.27 -30.29
C ALA A 74 -7.71 -38.83 -29.85
N ARG A 75 -7.13 -38.40 -28.74
CA ARG A 75 -7.52 -37.14 -28.11
C ARG A 75 -7.06 -35.91 -28.92
N SER A 76 -5.88 -35.96 -29.50
CA SER A 76 -5.41 -34.84 -30.35
C SER A 76 -6.38 -34.60 -31.51
N ARG A 77 -6.79 -35.68 -32.17
CA ARG A 77 -7.83 -35.64 -33.21
C ARG A 77 -9.17 -35.09 -32.68
N GLU A 78 -9.62 -35.52 -31.51
CA GLU A 78 -10.88 -34.99 -30.92
C GLU A 78 -10.81 -33.49 -30.68
N ILE A 79 -9.66 -33.04 -30.16
CA ILE A 79 -9.38 -31.63 -29.85
C ILE A 79 -9.34 -30.77 -31.10
N PHE A 80 -8.59 -31.23 -32.11
CA PHE A 80 -8.52 -30.54 -33.39
C PHE A 80 -9.92 -30.51 -34.02
N ASP A 81 -10.61 -31.64 -34.06
CA ASP A 81 -11.94 -31.71 -34.69
C ASP A 81 -13.07 -31.17 -33.82
N SER A 82 -12.78 -30.24 -32.88
CA SER A 82 -13.73 -29.95 -31.78
C SER A 82 -14.33 -28.57 -31.81
N TYR A 83 -15.34 -28.41 -30.97
CA TYR A 83 -16.11 -27.18 -30.88
C TYR A 83 -15.33 -25.95 -30.31
N ILE A 84 -14.51 -26.19 -29.27
CA ILE A 84 -13.65 -25.13 -28.70
C ILE A 84 -12.67 -24.61 -29.79
N MET A 85 -12.09 -25.54 -30.58
CA MET A 85 -11.23 -25.20 -31.75
C MET A 85 -11.95 -24.27 -32.73
N LYS A 86 -13.22 -24.63 -33.04
CA LYS A 86 -14.13 -23.83 -33.92
C LYS A 86 -14.53 -22.48 -33.26
N GLU A 87 -14.92 -22.47 -31.97
CA GLU A 87 -15.17 -21.23 -31.20
C GLU A 87 -14.06 -20.20 -31.32
N LEU A 88 -12.82 -20.71 -31.34
CA LEU A 88 -11.59 -19.92 -31.46
C LEU A 88 -11.27 -19.40 -32.89
N LEU A 89 -11.69 -20.07 -33.95
CA LEU A 89 -11.70 -19.44 -35.29
C LEU A 89 -12.89 -18.45 -35.43
N ALA A 90 -14.01 -18.72 -34.75
CA ALA A 90 -15.23 -17.86 -34.75
C ALA A 90 -14.99 -16.46 -34.19
N CYS A 91 -14.23 -16.39 -33.10
CA CYS A 91 -13.77 -15.12 -32.56
C CYS A 91 -12.75 -14.44 -33.50
N SER A 92 -12.53 -13.16 -33.26
CA SER A 92 -11.63 -12.36 -34.07
C SER A 92 -10.17 -12.36 -33.51
N HIS A 93 -9.93 -13.20 -32.48
CA HIS A 93 -8.56 -13.64 -32.09
C HIS A 93 -8.29 -15.20 -32.26
N PRO A 94 -8.20 -15.68 -33.54
CA PRO A 94 -7.93 -17.08 -33.87
C PRO A 94 -6.45 -17.38 -33.83
N PHE A 95 -6.10 -18.67 -33.95
CA PHE A 95 -4.72 -19.08 -33.94
C PHE A 95 -4.11 -18.67 -35.24
N SER A 96 -2.79 -18.58 -35.25
CA SER A 96 -2.06 -18.09 -36.40
C SER A 96 -1.97 -19.22 -37.42
N LYS A 97 -1.96 -18.85 -38.70
CA LYS A 97 -1.62 -19.78 -39.78
C LYS A 97 -0.45 -20.65 -39.40
N SER A 98 0.61 -20.03 -38.92
CA SER A 98 1.82 -20.81 -38.66
C SER A 98 1.69 -21.86 -37.55
N ALA A 99 0.89 -21.57 -36.53
CA ALA A 99 0.78 -22.52 -35.39
C ALA A 99 -0.06 -23.67 -35.84
N THR A 100 -1.18 -23.33 -36.44
CA THR A 100 -2.06 -24.29 -37.04
C THR A 100 -1.36 -25.26 -38.00
N GLU A 101 -0.44 -24.75 -38.81
CA GLU A 101 0.36 -25.56 -39.76
C GLU A 101 1.29 -26.52 -39.06
N HIS A 102 1.93 -26.06 -38.01
CA HIS A 102 2.80 -26.95 -37.25
C HIS A 102 1.99 -28.05 -36.61
N VAL A 103 0.82 -27.70 -36.05
CA VAL A 103 0.05 -28.71 -35.32
C VAL A 103 -0.48 -29.75 -36.34
N GLN A 104 -1.16 -29.26 -37.39
CA GLN A 104 -1.85 -30.13 -38.37
C GLN A 104 -0.87 -30.94 -39.23
N GLY A 105 0.36 -30.43 -39.43
CA GLY A 105 1.49 -31.19 -39.99
C GLY A 105 1.95 -32.39 -39.15
N HIS A 106 2.16 -32.20 -37.84
CA HIS A 106 2.44 -33.36 -36.94
C HIS A 106 1.25 -34.31 -36.82
N LEU A 107 0.04 -33.79 -37.01
CA LEU A 107 -1.19 -34.58 -36.85
C LEU A 107 -1.33 -35.59 -38.01
N GLY A 108 -1.37 -35.05 -39.24
CA GLY A 108 -1.47 -35.83 -40.47
C GLY A 108 -0.38 -36.87 -40.67
N LYS A 109 0.81 -36.65 -40.10
CA LYS A 109 1.89 -37.65 -40.04
C LYS A 109 1.86 -38.52 -38.76
N LYS A 110 0.67 -38.59 -38.13
CA LYS A 110 0.37 -39.48 -36.98
C LYS A 110 1.19 -39.34 -35.70
N GLN A 111 1.98 -38.25 -35.57
CA GLN A 111 2.91 -38.08 -34.42
C GLN A 111 2.38 -37.08 -33.37
N VAL A 112 2.21 -37.60 -32.16
CA VAL A 112 1.47 -36.94 -31.08
C VAL A 112 2.29 -36.93 -29.80
N PRO A 113 3.39 -36.17 -29.82
CA PRO A 113 4.01 -35.89 -28.54
C PRO A 113 3.07 -35.11 -27.55
N PRO A 114 3.37 -35.18 -26.23
CA PRO A 114 2.53 -34.48 -25.27
C PRO A 114 2.59 -32.94 -25.36
N ASP A 115 3.61 -32.40 -25.99
CA ASP A 115 3.74 -30.96 -26.24
C ASP A 115 3.27 -30.58 -27.68
N LEU A 116 2.48 -31.45 -28.31
CA LEU A 116 1.92 -31.17 -29.62
C LEU A 116 1.31 -29.78 -29.75
N PHE A 117 0.56 -29.36 -28.73
CA PHE A 117 -0.25 -28.16 -28.81
C PHE A 117 0.42 -26.95 -28.14
N GLN A 118 1.73 -27.02 -27.93
CA GLN A 118 2.48 -25.99 -27.21
C GLN A 118 2.45 -24.64 -27.91
N PRO A 119 2.51 -24.61 -29.24
CA PRO A 119 2.37 -23.27 -29.83
C PRO A 119 0.94 -22.67 -29.61
N TYR A 120 -0.08 -23.51 -29.41
CA TYR A 120 -1.40 -22.96 -29.08
C TYR A 120 -1.40 -22.39 -27.66
N ILE A 121 -0.72 -23.04 -26.71
CA ILE A 121 -0.62 -22.56 -25.37
C ILE A 121 -0.02 -21.17 -25.36
N GLU A 122 1.07 -21.01 -26.09
CA GLU A 122 1.82 -19.77 -26.10
C GLU A 122 0.93 -18.63 -26.68
N GLU A 123 0.16 -18.93 -27.72
CA GLU A 123 -0.72 -17.92 -28.30
C GLU A 123 -1.87 -17.58 -27.38
N ILE A 124 -2.43 -18.58 -26.69
CA ILE A 124 -3.43 -18.32 -25.69
C ILE A 124 -2.93 -17.35 -24.63
N CYS A 125 -1.76 -17.64 -24.07
CA CYS A 125 -1.18 -16.82 -23.02
C CYS A 125 -0.87 -15.38 -23.51
N GLN A 126 -0.36 -15.22 -24.72
CA GLN A 126 -0.14 -13.85 -25.25
C GLN A 126 -1.43 -13.06 -25.31
N ASN A 127 -2.58 -13.75 -25.48
CA ASN A 127 -3.89 -13.12 -25.47
C ASN A 127 -4.51 -12.99 -24.11
N LEU A 128 -4.05 -13.78 -23.14
CA LEU A 128 -4.53 -13.61 -21.76
C LEU A 128 -3.80 -12.44 -21.13
N ARG A 129 -2.60 -12.22 -21.62
CA ARG A 129 -1.79 -11.06 -21.26
C ARG A 129 -2.44 -9.78 -21.80
N GLY A 130 -2.47 -8.74 -20.98
CA GLY A 130 -3.00 -7.42 -21.30
C GLY A 130 -4.36 -7.25 -20.62
N ASP A 131 -5.35 -6.83 -21.41
CA ASP A 131 -6.64 -6.46 -20.88
C ASP A 131 -7.36 -7.56 -20.08
N VAL A 132 -7.34 -8.80 -20.53
CA VAL A 132 -8.02 -9.84 -19.80
C VAL A 132 -7.41 -10.00 -18.34
N PHE A 133 -6.07 -10.03 -18.26
CA PHE A 133 -5.39 -10.03 -16.99
C PHE A 133 -5.75 -8.81 -16.12
N GLN A 134 -5.71 -7.61 -16.69
CA GLN A 134 -6.07 -6.38 -15.97
C GLN A 134 -7.55 -6.48 -15.48
N LYS A 135 -8.46 -7.09 -16.27
CA LYS A 135 -9.81 -7.29 -15.81
C LYS A 135 -9.90 -8.26 -14.65
N PHE A 136 -9.02 -9.30 -14.64
CA PHE A 136 -8.96 -10.21 -13.49
C PHE A 136 -8.55 -9.46 -12.25
N ILE A 137 -7.54 -8.61 -12.38
CA ILE A 137 -7.05 -7.81 -11.23
C ILE A 137 -8.16 -6.94 -10.59
N GLU A 138 -8.95 -6.35 -11.45
CA GLU A 138 -10.13 -5.56 -11.04
C GLU A 138 -11.23 -6.41 -10.39
N SER A 139 -11.29 -7.70 -10.62
CA SER A 139 -12.46 -8.48 -10.20
C SER A 139 -12.41 -8.94 -8.75
N ASP A 140 -13.49 -9.52 -8.27
CA ASP A 140 -13.53 -10.16 -6.96
C ASP A 140 -12.66 -11.42 -6.87
N LYS A 141 -12.29 -12.00 -8.00
CA LYS A 141 -11.44 -13.19 -7.96
C LYS A 141 -10.01 -12.84 -7.59
N PHE A 142 -9.51 -11.65 -7.96
CA PHE A 142 -8.23 -11.17 -7.45
C PHE A 142 -8.33 -10.85 -5.93
N THR A 143 -9.48 -10.31 -5.50
CA THR A 143 -9.74 -10.04 -4.06
C THR A 143 -9.60 -11.32 -3.26
N ARG A 144 -10.24 -12.37 -3.78
CA ARG A 144 -10.16 -13.67 -3.15
C ARG A 144 -8.71 -14.22 -3.15
N PHE A 145 -7.93 -13.97 -4.22
CA PHE A 145 -6.51 -14.33 -4.27
C PHE A 145 -5.77 -13.60 -3.12
N CYS A 146 -6.07 -12.33 -2.96
CA CYS A 146 -5.50 -11.55 -1.84
C CYS A 146 -5.79 -12.12 -0.42
N GLN A 147 -7.00 -12.62 -0.24
CA GLN A 147 -7.43 -13.22 0.99
C GLN A 147 -6.62 -14.48 1.28
N TRP A 148 -6.45 -15.34 0.26
CA TRP A 148 -5.67 -16.55 0.45
C TRP A 148 -4.22 -16.25 0.64
N LYS A 149 -3.74 -15.28 -0.07
CA LYS A 149 -2.35 -14.93 0.00
C LYS A 149 -1.98 -14.36 1.38
N ASN A 150 -2.93 -13.60 1.96
CA ASN A 150 -2.75 -13.09 3.35
C ASN A 150 -2.53 -14.25 4.31
N VAL A 151 -3.30 -15.32 4.15
CA VAL A 151 -3.15 -16.49 5.02
C VAL A 151 -1.77 -17.14 4.74
N GLU A 152 -1.41 -17.30 3.46
CA GLU A 152 -0.10 -17.94 3.09
C GLU A 152 1.08 -17.22 3.75
N LEU A 153 1.04 -15.89 3.67
CA LEU A 153 2.14 -15.08 4.19
C LEU A 153 2.12 -14.81 5.71
N ASN A 154 1.15 -15.40 6.41
CA ASN A 154 1.05 -15.28 7.88
C ASN A 154 1.15 -16.62 8.66
N ILE A 155 1.53 -17.66 7.95
CA ILE A 155 1.73 -18.96 8.55
C ILE A 155 2.81 -18.90 9.60
N HIS A 156 2.42 -19.27 10.81
CA HIS A 156 3.36 -19.55 11.93
C HIS A 156 2.99 -20.85 12.58
N LEU A 157 3.59 -21.93 12.09
CA LEU A 157 3.28 -23.25 12.61
C LEU A 157 3.80 -23.48 14.01
N THR A 158 3.05 -24.25 14.80
CA THR A 158 3.56 -24.86 16.03
C THR A 158 3.07 -26.29 16.07
N MET A 159 3.51 -27.04 17.10
CA MET A 159 3.09 -28.42 17.40
C MET A 159 1.56 -28.58 17.48
N ASN A 160 0.90 -27.59 18.04
CA ASN A 160 -0.55 -27.60 18.14
C ASN A 160 -1.34 -27.57 16.81
N ASP A 161 -0.65 -27.28 15.69
CA ASP A 161 -1.24 -27.35 14.36
C ASP A 161 -1.19 -28.76 13.72
N PHE A 162 -0.52 -29.71 14.40
CA PHE A 162 -0.42 -31.07 13.90
C PHE A 162 -0.97 -32.01 14.96
N SER A 163 -1.87 -32.90 14.57
CA SER A 163 -2.19 -34.08 15.38
C SER A 163 -1.13 -35.15 15.09
N VAL A 164 -0.28 -35.41 16.07
CA VAL A 164 0.96 -36.20 15.90
C VAL A 164 0.76 -37.64 16.43
N HIS A 165 1.25 -38.64 15.69
CA HIS A 165 0.92 -40.08 15.96
C HIS A 165 2.18 -40.97 16.16
N ARG A 166 2.27 -42.11 15.52
CA ARG A 166 3.31 -43.09 15.91
C ARG A 166 4.68 -42.72 15.32
N ILE A 167 5.73 -43.23 15.97
CA ILE A 167 7.11 -42.99 15.59
C ILE A 167 7.31 -43.84 14.36
N ILE A 168 7.92 -43.28 13.33
CA ILE A 168 8.19 -43.99 12.09
C ILE A 168 9.67 -43.93 11.72
N GLY A 169 10.54 -43.39 12.56
CA GLY A 169 11.97 -43.42 12.30
C GLY A 169 12.70 -42.86 13.48
N ARG A 170 13.93 -43.34 13.75
CA ARG A 170 14.79 -42.78 14.84
C ARG A 170 16.26 -42.57 14.43
N GLY A 171 16.85 -41.44 14.83
CA GLY A 171 18.27 -41.18 14.62
C GLY A 171 18.97 -40.65 15.88
N GLY A 172 20.20 -40.19 15.67
CA GLY A 172 21.00 -39.58 16.72
C GLY A 172 20.46 -38.26 17.22
N PHE A 173 19.95 -37.45 16.28
CA PHE A 173 19.46 -36.09 16.53
C PHE A 173 17.97 -36.02 16.91
N GLY A 174 17.17 -37.00 16.51
CA GLY A 174 15.74 -36.96 16.79
C GLY A 174 14.96 -38.13 16.26
N GLU A 175 13.64 -37.92 16.20
CA GLU A 175 12.71 -38.88 15.62
C GLU A 175 11.77 -38.29 14.61
N VAL A 176 11.33 -39.16 13.70
CA VAL A 176 10.26 -38.92 12.78
C VAL A 176 8.93 -39.56 13.22
N TYR A 177 7.85 -38.79 13.05
CA TYR A 177 6.48 -39.17 13.34
C TYR A 177 5.53 -39.05 12.16
N GLY A 178 4.52 -39.90 12.18
CA GLY A 178 3.36 -39.80 11.31
C GLY A 178 2.55 -38.70 11.92
N CYS A 179 2.10 -37.75 11.10
CA CYS A 179 1.20 -36.71 11.58
C CYS A 179 0.25 -36.19 10.53
N ARG A 180 -0.77 -35.50 11.04
CA ARG A 180 -1.82 -34.91 10.23
C ARG A 180 -1.85 -33.40 10.51
N LYS A 181 -1.75 -32.59 9.45
CA LYS A 181 -1.90 -31.13 9.64
C LYS A 181 -3.37 -30.85 9.86
N ALA A 182 -3.70 -30.24 10.98
CA ALA A 182 -5.09 -30.11 11.45
C ALA A 182 -5.98 -29.23 10.56
N ASP A 183 -5.48 -28.12 10.06
CA ASP A 183 -6.36 -27.30 9.27
C ASP A 183 -6.84 -27.95 7.95
N THR A 184 -6.02 -28.78 7.28
CA THR A 184 -6.41 -29.35 5.94
C THR A 184 -6.69 -30.88 5.95
N GLY A 185 -6.25 -31.55 7.01
CA GLY A 185 -6.30 -33.01 7.11
C GLY A 185 -5.18 -33.70 6.35
N LYS A 186 -4.19 -32.98 5.81
CA LYS A 186 -3.17 -33.68 5.05
C LYS A 186 -2.16 -34.40 5.94
N MET A 187 -1.82 -35.61 5.50
CA MET A 187 -0.89 -36.48 6.16
C MET A 187 0.54 -36.14 5.79
N TYR A 188 1.41 -36.18 6.77
CA TYR A 188 2.84 -35.91 6.55
C TYR A 188 3.71 -36.65 7.57
N ALA A 189 4.99 -36.67 7.27
CA ALA A 189 6.00 -36.92 8.27
C ALA A 189 6.49 -35.63 8.92
N MET A 190 6.62 -35.68 10.24
CA MET A 190 7.33 -34.69 11.04
C MET A 190 8.69 -35.19 11.56
N LYS A 191 9.78 -34.66 10.97
CA LYS A 191 11.12 -34.94 11.46
C LYS A 191 11.48 -33.93 12.49
N CYS A 192 11.59 -34.41 13.71
CA CYS A 192 11.67 -33.56 14.89
C CYS A 192 13.04 -33.76 15.53
N LEU A 193 13.93 -32.79 15.32
CA LEU A 193 15.30 -32.89 15.75
C LEU A 193 15.45 -32.11 17.04
N ASP A 194 16.15 -32.71 17.98
CA ASP A 194 16.31 -32.15 19.29
C ASP A 194 17.55 -31.22 19.37
N LYS A 195 17.33 -29.98 19.78
CA LYS A 195 18.40 -28.98 19.82
C LYS A 195 19.47 -29.30 20.84
N LYS A 196 19.08 -29.76 22.04
CA LYS A 196 20.07 -30.18 23.05
C LYS A 196 21.03 -31.25 22.47
N ARG A 197 20.43 -32.25 21.83
CA ARG A 197 21.18 -33.34 21.24
C ARG A 197 22.03 -32.85 20.04
N ILE A 198 21.55 -31.86 19.27
CA ILE A 198 22.35 -31.22 18.18
C ILE A 198 23.55 -30.43 18.71
N LYS A 199 23.34 -29.66 19.77
CA LYS A 199 24.44 -28.95 20.44
C LYS A 199 25.51 -29.98 20.88
N MET A 200 25.05 -31.06 21.55
CA MET A 200 25.92 -32.09 22.15
C MET A 200 26.85 -32.67 21.09
N LYS A 201 26.35 -32.86 19.86
CA LYS A 201 27.12 -33.56 18.81
C LYS A 201 27.62 -32.65 17.70
N GLN A 202 27.61 -31.35 17.95
CA GLN A 202 28.17 -30.35 17.04
C GLN A 202 27.69 -30.37 15.57
N GLY A 203 26.44 -30.81 15.36
CA GLY A 203 25.85 -30.86 14.01
C GLY A 203 24.88 -29.74 13.66
N GLU A 204 25.20 -28.50 14.07
CA GLU A 204 24.37 -27.34 13.72
C GLU A 204 24.46 -27.06 12.21
N THR A 205 25.67 -26.92 11.65
CA THR A 205 25.81 -26.67 10.19
C THR A 205 25.08 -27.77 9.37
N LEU A 206 25.04 -28.99 9.93
CA LEU A 206 24.33 -30.13 9.34
C LEU A 206 22.81 -29.93 9.30
N ALA A 207 22.22 -29.53 10.44
CA ALA A 207 20.78 -29.25 10.45
C ALA A 207 20.40 -28.12 9.47
N LEU A 208 21.19 -27.05 9.51
CA LEU A 208 20.93 -25.89 8.69
C LEU A 208 21.10 -26.17 7.20
N ASN A 209 22.18 -26.86 6.83
CA ASN A 209 22.45 -27.24 5.43
C ASN A 209 21.30 -28.12 4.90
N GLU A 210 20.76 -29.01 5.76
CA GLU A 210 19.59 -29.84 5.44
C GLU A 210 18.42 -28.95 4.99
N ARG A 211 18.12 -27.89 5.77
CA ARG A 211 17.07 -26.94 5.34
C ARG A 211 17.29 -26.21 3.99
N ILE A 212 18.49 -25.70 3.74
CA ILE A 212 18.77 -24.97 2.47
C ILE A 212 18.71 -25.96 1.29
N MET A 213 19.23 -27.16 1.51
CA MET A 213 19.16 -28.19 0.51
C MET A 213 17.69 -28.63 0.23
N LEU A 214 16.88 -28.85 1.27
CA LEU A 214 15.47 -29.14 1.05
C LEU A 214 14.75 -28.02 0.22
N SER A 215 15.04 -26.74 0.53
CA SER A 215 14.52 -25.61 -0.27
C SER A 215 14.87 -25.67 -1.75
N LEU A 216 16.10 -26.07 -2.06
CA LEU A 216 16.57 -26.13 -3.45
C LEU A 216 15.87 -27.23 -4.24
N VAL A 217 15.31 -28.17 -3.52
CA VAL A 217 14.90 -29.43 -4.09
C VAL A 217 13.42 -29.71 -4.04
N SER A 218 12.68 -28.96 -3.25
CA SER A 218 11.33 -29.34 -2.92
C SER A 218 10.28 -28.81 -3.83
N THR A 219 10.61 -28.02 -4.83
CA THR A 219 9.59 -27.68 -5.79
C THR A 219 9.62 -28.69 -6.89
N GLY A 220 8.55 -28.71 -7.66
CA GLY A 220 8.41 -29.67 -8.72
C GLY A 220 7.82 -31.01 -8.30
N ASP A 221 7.45 -31.23 -7.04
CA ASP A 221 6.76 -32.53 -6.68
C ASP A 221 7.54 -33.84 -7.20
N CYS A 222 8.82 -33.96 -6.88
CA CYS A 222 9.62 -35.16 -7.28
C CYS A 222 9.04 -36.37 -6.54
N PRO A 223 8.61 -37.42 -7.24
CA PRO A 223 8.13 -38.59 -6.49
C PRO A 223 9.24 -39.41 -5.80
N PHE A 224 10.52 -39.03 -5.94
CA PHE A 224 11.66 -39.91 -5.52
C PHE A 224 12.60 -39.29 -4.54
N ILE A 225 12.18 -38.20 -3.92
CA ILE A 225 12.92 -37.54 -2.85
C ILE A 225 11.93 -37.18 -1.77
N VAL A 226 12.32 -37.34 -0.52
CA VAL A 226 11.54 -36.88 0.59
C VAL A 226 11.70 -35.37 0.54
N CYS A 227 10.70 -34.67 0.01
CA CYS A 227 10.72 -33.21 -0.01
C CYS A 227 10.01 -32.56 1.20
N MET A 228 10.36 -31.31 1.46
CA MET A 228 9.76 -30.43 2.49
C MET A 228 8.59 -29.55 2.01
N SER A 229 7.54 -29.51 2.83
CA SER A 229 6.49 -28.55 2.76
C SER A 229 6.73 -27.34 3.74
N TYR A 230 7.25 -27.61 4.93
CA TYR A 230 7.41 -26.59 5.97
C TYR A 230 8.66 -26.87 6.82
N ALA A 231 9.25 -25.82 7.37
CA ALA A 231 10.16 -25.95 8.49
C ALA A 231 9.65 -25.02 9.60
N PHE A 232 9.72 -25.47 10.85
CA PHE A 232 9.48 -24.55 11.97
C PHE A 232 10.22 -25.07 13.19
N HIS A 233 10.28 -24.24 14.22
CA HIS A 233 10.97 -24.57 15.44
C HIS A 233 10.23 -24.07 16.68
N THR A 234 10.39 -24.79 17.76
CA THR A 234 9.88 -24.45 19.11
C THR A 234 11.13 -24.28 19.99
N PRO A 235 10.93 -23.94 21.29
CA PRO A 235 12.17 -23.76 22.07
C PRO A 235 13.16 -24.97 22.13
N ASP A 236 12.68 -26.22 22.13
CA ASP A 236 13.61 -27.39 22.14
C ASP A 236 13.80 -28.15 20.85
N LYS A 237 12.92 -27.93 19.86
CA LYS A 237 12.86 -28.76 18.67
C LYS A 237 13.05 -27.99 17.37
N LEU A 238 13.76 -28.59 16.42
CA LEU A 238 13.61 -28.26 15.00
C LEU A 238 12.66 -29.26 14.37
N SER A 239 11.87 -28.79 13.44
CA SER A 239 10.82 -29.60 12.86
C SER A 239 10.76 -29.42 11.33
N PHE A 240 10.89 -30.52 10.59
CA PHE A 240 10.71 -30.50 9.15
C PHE A 240 9.47 -31.31 8.84
N ILE A 241 8.58 -30.75 8.05
CA ILE A 241 7.35 -31.40 7.59
C ILE A 241 7.63 -31.87 6.18
N LEU A 242 7.55 -33.20 6.01
CA LEU A 242 8.02 -33.90 4.81
C LEU A 242 7.00 -34.90 4.22
N ASP A 243 7.30 -35.38 3.03
CA ASP A 243 6.55 -36.53 2.42
C ASP A 243 6.57 -37.70 3.39
N LEU A 244 5.37 -38.19 3.69
CA LEU A 244 5.16 -39.26 4.66
C LEU A 244 5.68 -40.57 4.10
N MET A 245 6.64 -41.16 4.81
CA MET A 245 7.19 -42.46 4.44
C MET A 245 7.21 -43.39 5.67
N ASN A 246 6.18 -44.20 5.80
CA ASN A 246 5.98 -45.08 6.94
C ASN A 246 6.31 -46.58 6.68
N GLY A 247 7.06 -46.86 5.63
CA GLY A 247 7.43 -48.24 5.27
C GLY A 247 8.85 -48.66 5.72
N GLY A 248 9.54 -47.83 6.47
CA GLY A 248 10.85 -48.14 6.95
C GLY A 248 11.85 -47.96 5.84
N ASP A 249 13.14 -48.00 6.21
CA ASP A 249 14.25 -47.82 5.26
C ASP A 249 14.79 -49.14 4.76
N LEU A 250 15.64 -49.03 3.75
CA LEU A 250 16.16 -50.17 3.04
C LEU A 250 17.34 -50.84 3.75
N HIS A 251 18.02 -50.15 4.66
CA HIS A 251 18.99 -50.82 5.53
C HIS A 251 18.28 -51.92 6.38
N TYR A 252 17.15 -51.58 7.01
CA TYR A 252 16.30 -52.54 7.68
C TYR A 252 15.72 -53.63 6.75
N HIS A 253 15.14 -53.26 5.61
CA HIS A 253 14.63 -54.28 4.71
C HIS A 253 15.66 -55.21 4.08
N LEU A 254 16.85 -54.73 3.78
CA LEU A 254 17.91 -55.58 3.31
C LEU A 254 18.22 -56.66 4.39
N SER A 255 18.40 -56.20 5.63
CA SER A 255 18.65 -57.12 6.75
C SER A 255 17.52 -58.12 7.07
N GLN A 256 16.28 -57.92 6.61
CA GLN A 256 15.15 -58.85 6.85
C GLN A 256 14.85 -59.76 5.69
N HIS A 257 14.78 -59.18 4.49
CA HIS A 257 14.57 -59.91 3.25
C HIS A 257 15.84 -60.67 2.86
N GLY A 258 17.00 -60.18 3.31
CA GLY A 258 18.27 -60.55 2.70
C GLY A 258 18.38 -59.92 1.30
N VAL A 259 19.44 -60.31 0.61
CA VAL A 259 19.81 -59.72 -0.66
C VAL A 259 18.74 -59.78 -1.72
N PHE A 260 18.89 -58.91 -2.71
CA PHE A 260 17.87 -58.70 -3.69
C PHE A 260 18.28 -59.27 -5.05
N SER A 261 17.33 -59.80 -5.78
CA SER A 261 17.60 -60.23 -7.13
C SER A 261 17.90 -59.06 -8.05
N GLU A 262 18.43 -59.37 -9.22
CA GLU A 262 18.71 -58.36 -10.21
C GLU A 262 17.44 -57.57 -10.56
N ALA A 263 16.35 -58.27 -10.81
CA ALA A 263 15.09 -57.65 -11.11
C ALA A 263 14.58 -56.78 -9.95
N ASP A 264 14.82 -57.20 -8.70
CA ASP A 264 14.28 -56.45 -7.58
C ASP A 264 15.08 -55.16 -7.44
N MET A 265 16.40 -55.29 -7.49
CA MET A 265 17.23 -54.14 -7.39
C MET A 265 17.01 -53.13 -8.51
N ARG A 266 16.70 -53.60 -9.72
CA ARG A 266 16.40 -52.78 -10.86
C ARG A 266 15.23 -51.80 -10.59
N PHE A 267 14.16 -52.29 -9.93
CA PHE A 267 13.06 -51.42 -9.48
C PHE A 267 13.62 -50.33 -8.57
N TYR A 268 14.39 -50.71 -7.56
CA TYR A 268 14.90 -49.70 -6.66
C TYR A 268 15.82 -48.71 -7.37
N ALA A 269 16.76 -49.22 -8.16
CA ALA A 269 17.66 -48.35 -8.91
C ALA A 269 16.95 -47.35 -9.86
N ALA A 270 15.89 -47.75 -10.53
CA ALA A 270 15.28 -46.89 -11.47
C ALA A 270 14.69 -45.69 -10.73
N GLU A 271 14.06 -45.96 -9.60
CA GLU A 271 13.42 -44.92 -8.81
C GLU A 271 14.46 -43.98 -8.26
N ILE A 272 15.55 -44.53 -7.77
CA ILE A 272 16.62 -43.73 -7.22
C ILE A 272 17.26 -42.84 -8.28
N ILE A 273 17.43 -43.39 -9.48
CA ILE A 273 18.04 -42.63 -10.56
C ILE A 273 17.25 -41.40 -10.93
N LEU A 274 15.93 -41.48 -10.94
CA LEU A 274 15.12 -40.29 -11.21
C LEU A 274 15.23 -39.28 -10.04
N GLY A 275 15.43 -39.74 -8.81
CA GLY A 275 15.58 -38.84 -7.69
C GLY A 275 16.87 -38.06 -7.87
N LEU A 276 17.95 -38.75 -8.25
CA LEU A 276 19.21 -38.11 -8.48
C LEU A 276 19.13 -37.11 -9.63
N GLU A 277 18.50 -37.50 -10.72
CA GLU A 277 18.33 -36.61 -11.86
C GLU A 277 17.76 -35.26 -11.43
N HIS A 278 16.66 -35.30 -10.67
CA HIS A 278 16.02 -34.09 -10.12
C HIS A 278 17.01 -33.18 -9.39
N MET A 279 17.86 -33.80 -8.60
CA MET A 279 18.79 -33.07 -7.80
C MET A 279 19.88 -32.45 -8.64
N HIS A 280 20.48 -33.26 -9.51
CA HIS A 280 21.53 -32.76 -10.41
C HIS A 280 21.03 -31.66 -11.40
N ASN A 281 19.76 -31.71 -11.82
CA ASN A 281 19.18 -30.64 -12.62
C ASN A 281 19.07 -29.29 -11.88
N ARG A 282 19.06 -29.35 -10.55
CA ARG A 282 19.18 -28.21 -9.63
C ARG A 282 20.55 -27.98 -9.04
N PHE A 283 21.58 -28.60 -9.65
CA PHE A 283 22.97 -28.42 -9.26
C PHE A 283 23.20 -28.76 -7.79
N VAL A 284 22.52 -29.82 -7.34
CA VAL A 284 22.71 -30.38 -6.01
C VAL A 284 23.35 -31.77 -6.15
N VAL A 285 24.52 -31.96 -5.50
CA VAL A 285 25.08 -33.32 -5.21
C VAL A 285 24.61 -33.82 -3.87
N TYR A 286 24.12 -35.07 -3.86
CA TYR A 286 23.56 -35.68 -2.66
C TYR A 286 24.64 -36.13 -1.65
N ARG A 287 25.59 -36.92 -2.17
CA ARG A 287 26.81 -37.37 -1.52
C ARG A 287 26.73 -38.55 -0.57
N ASP A 288 25.58 -38.77 0.09
CA ASP A 288 25.44 -39.81 1.09
C ASP A 288 24.53 -40.91 0.62
N LEU A 289 24.59 -41.27 -0.65
CA LEU A 289 23.70 -42.36 -1.14
C LEU A 289 24.10 -43.74 -0.51
N LYS A 290 23.17 -44.33 0.24
CA LYS A 290 23.30 -45.64 0.91
C LYS A 290 21.91 -46.15 1.33
N PRO A 291 21.77 -47.46 1.65
CA PRO A 291 20.40 -47.96 1.85
C PRO A 291 19.61 -47.41 3.07
N ALA A 292 20.31 -47.00 4.11
CA ALA A 292 19.65 -46.37 5.27
C ALA A 292 19.02 -45.03 4.90
N ASN A 293 19.49 -44.38 3.81
CA ASN A 293 18.86 -43.15 3.29
C ASN A 293 17.84 -43.38 2.17
N ILE A 294 17.46 -44.64 1.92
CA ILE A 294 16.38 -44.92 1.05
C ILE A 294 15.22 -45.38 1.87
N LEU A 295 14.10 -44.67 1.73
CA LEU A 295 12.90 -44.95 2.47
C LEU A 295 11.80 -45.54 1.55
N LEU A 296 10.89 -46.33 2.14
CA LEU A 296 9.74 -46.91 1.43
C LEU A 296 8.41 -46.32 1.91
N ASP A 297 7.46 -46.18 1.02
CA ASP A 297 6.10 -45.86 1.44
C ASP A 297 5.31 -47.14 1.75
N GLU A 298 4.04 -46.97 2.12
CA GLU A 298 3.15 -48.09 2.42
C GLU A 298 3.01 -49.08 1.24
N HIS A 299 3.28 -48.63 0.01
CA HIS A 299 3.24 -49.47 -1.17
C HIS A 299 4.62 -50.07 -1.60
N GLY A 300 5.70 -49.64 -0.98
CA GLY A 300 7.02 -50.07 -1.39
C GLY A 300 7.76 -49.22 -2.41
N HIS A 301 7.15 -48.14 -2.87
CA HIS A 301 7.87 -47.15 -3.65
C HIS A 301 8.82 -46.39 -2.78
N VAL A 302 9.91 -45.93 -3.36
CA VAL A 302 10.99 -45.40 -2.58
C VAL A 302 11.36 -43.95 -2.92
N ARG A 303 12.01 -43.31 -1.96
CA ARG A 303 12.55 -41.97 -2.11
C ARG A 303 13.87 -41.83 -1.42
N ILE A 304 14.72 -40.98 -1.95
CA ILE A 304 15.94 -40.57 -1.25
C ILE A 304 15.61 -39.59 -0.12
N SER A 305 16.20 -39.76 1.07
CA SER A 305 15.99 -38.83 2.20
C SER A 305 17.23 -38.44 2.97
N ASP A 306 17.10 -37.36 3.74
CA ASP A 306 18.20 -36.67 4.49
C ASP A 306 19.27 -36.03 3.54
N LEU A 307 19.05 -34.76 3.19
CA LEU A 307 20.02 -34.01 2.40
C LEU A 307 21.06 -33.22 3.22
N GLY A 308 21.16 -33.58 4.51
CA GLY A 308 22.14 -32.99 5.43
C GLY A 308 23.55 -32.85 4.89
N LEU A 309 24.04 -33.87 4.21
CA LEU A 309 25.39 -33.87 3.68
C LEU A 309 25.48 -33.40 2.23
N ALA A 310 24.34 -33.00 1.62
CA ALA A 310 24.31 -32.53 0.20
C ALA A 310 24.84 -31.11 0.09
N CYS A 311 25.18 -30.72 -1.12
CA CYS A 311 25.82 -29.47 -1.40
C CYS A 311 25.37 -28.93 -2.76
N ASP A 312 25.34 -27.63 -2.85
CA ASP A 312 25.00 -26.89 -4.06
C ASP A 312 26.29 -26.66 -4.87
N PHE A 313 26.36 -27.07 -6.12
CA PHE A 313 27.57 -26.89 -6.93
C PHE A 313 27.44 -25.91 -8.10
N SER A 314 26.34 -25.17 -8.20
CA SER A 314 26.17 -24.18 -9.28
C SER A 314 27.25 -23.08 -9.27
N LYS A 315 27.75 -22.70 -8.10
CA LYS A 315 28.71 -21.59 -7.96
C LYS A 315 30.06 -22.13 -7.59
N LYS A 316 30.14 -22.89 -6.51
CA LYS A 316 31.43 -23.47 -6.07
C LYS A 316 31.36 -24.96 -5.81
N LYS A 317 32.04 -25.70 -6.71
CA LYS A 317 32.24 -27.14 -6.62
C LYS A 317 32.95 -27.50 -5.34
N PRO A 318 32.41 -28.45 -4.57
CA PRO A 318 33.06 -28.87 -3.34
C PRO A 318 34.34 -29.73 -3.55
N HIS A 319 35.26 -29.64 -2.58
CA HIS A 319 36.51 -30.41 -2.56
C HIS A 319 36.39 -31.54 -1.53
N ALA A 320 35.71 -31.28 -0.42
CA ALA A 320 35.84 -32.11 0.80
C ALA A 320 35.40 -33.59 0.73
N SER A 321 35.97 -34.40 1.62
CA SER A 321 35.60 -35.80 1.78
C SER A 321 34.34 -35.93 2.61
N VAL A 322 33.18 -35.90 1.93
CA VAL A 322 31.86 -36.00 2.57
C VAL A 322 31.12 -37.25 2.05
N GLY A 323 30.80 -38.16 2.97
CA GLY A 323 29.87 -39.27 2.71
C GLY A 323 29.93 -40.31 3.81
N THR A 324 29.59 -41.55 3.45
CA THR A 324 29.75 -42.72 4.32
C THR A 324 30.84 -43.60 3.66
N HIS A 325 31.71 -44.21 4.45
CA HIS A 325 33.03 -44.60 3.89
C HIS A 325 33.02 -45.59 2.75
N GLY A 326 32.10 -46.55 2.80
CA GLY A 326 31.98 -47.51 1.70
C GLY A 326 31.19 -47.10 0.45
N TYR A 327 30.81 -45.83 0.33
CA TYR A 327 30.14 -45.36 -0.87
C TYR A 327 30.72 -44.08 -1.46
N MET A 328 31.88 -43.60 -0.98
CA MET A 328 32.40 -42.33 -1.47
C MET A 328 33.31 -42.53 -2.68
N ALA A 329 33.12 -41.68 -3.70
CA ALA A 329 33.88 -41.75 -4.95
C ALA A 329 35.35 -41.31 -4.73
N PRO A 330 36.28 -41.78 -5.59
CA PRO A 330 37.68 -41.31 -5.61
C PRO A 330 37.85 -39.79 -5.59
N GLU A 331 37.29 -39.11 -6.61
CA GLU A 331 37.42 -37.63 -6.69
C GLU A 331 36.89 -36.87 -5.45
N VAL A 332 36.08 -37.53 -4.60
CA VAL A 332 35.66 -37.01 -3.29
C VAL A 332 36.68 -37.30 -2.23
N LEU A 333 37.20 -38.53 -2.17
CA LEU A 333 38.06 -38.92 -1.06
C LEU A 333 39.41 -38.11 -1.08
N GLN A 334 39.81 -37.72 -2.28
CA GLN A 334 40.98 -36.88 -2.49
C GLN A 334 40.66 -35.43 -2.13
N LYS A 335 41.08 -34.99 -0.95
CA LYS A 335 40.82 -33.61 -0.53
C LYS A 335 41.59 -32.65 -1.42
N GLY A 336 40.93 -31.56 -1.82
CA GLY A 336 41.47 -30.68 -2.87
C GLY A 336 41.57 -31.35 -4.24
N VAL A 337 40.54 -32.13 -4.58
CA VAL A 337 40.15 -32.43 -5.97
C VAL A 337 38.69 -32.03 -6.03
N ALA A 338 38.36 -31.08 -6.91
CA ALA A 338 36.99 -30.63 -7.09
C ALA A 338 36.11 -31.70 -7.74
N TYR A 339 34.82 -31.66 -7.41
CA TYR A 339 33.85 -32.59 -8.01
C TYR A 339 32.43 -32.05 -8.05
N ASP A 340 31.63 -32.63 -8.95
CA ASP A 340 30.22 -32.27 -9.14
C ASP A 340 29.37 -33.54 -8.93
N SER A 341 28.25 -33.64 -9.64
CA SER A 341 27.32 -34.78 -9.58
C SER A 341 27.99 -36.13 -9.88
N SER A 342 29.15 -36.11 -10.53
CA SER A 342 29.97 -37.30 -10.65
C SER A 342 29.85 -38.25 -9.45
N ALA A 343 29.88 -37.73 -8.24
CA ALA A 343 29.99 -38.48 -6.98
C ALA A 343 28.87 -39.40 -6.68
N ASP A 344 27.65 -38.98 -7.03
CA ASP A 344 26.46 -39.79 -6.80
C ASP A 344 26.40 -40.99 -7.71
N TRP A 345 26.93 -40.91 -8.92
CA TRP A 345 26.85 -42.05 -9.82
C TRP A 345 27.76 -43.16 -9.33
N PHE A 346 28.93 -42.79 -8.79
CA PHE A 346 29.84 -43.76 -8.20
C PHE A 346 29.18 -44.38 -6.96
N SER A 347 28.60 -43.53 -6.13
CA SER A 347 27.96 -44.00 -4.91
C SER A 347 26.81 -44.92 -5.18
N LEU A 348 26.09 -44.61 -6.26
CA LEU A 348 24.99 -45.45 -6.69
C LEU A 348 25.47 -46.84 -6.98
N GLY A 349 26.58 -46.94 -7.70
CA GLY A 349 27.20 -48.24 -8.01
C GLY A 349 27.49 -49.10 -6.79
N CYS A 350 28.06 -48.45 -5.76
CA CYS A 350 28.39 -49.11 -4.50
C CYS A 350 27.13 -49.65 -3.84
N MET A 351 26.12 -48.80 -3.87
CA MET A 351 24.86 -49.11 -3.26
C MET A 351 24.08 -50.24 -3.94
N LEU A 352 24.05 -50.24 -5.27
CA LEU A 352 23.36 -51.29 -6.00
C LEU A 352 24.12 -52.65 -5.85
N PHE A 353 25.42 -52.59 -5.60
CA PHE A 353 26.21 -53.75 -5.23
C PHE A 353 25.79 -54.29 -3.85
N LYS A 354 25.67 -53.43 -2.82
CA LYS A 354 25.23 -53.90 -1.47
C LYS A 354 23.85 -54.56 -1.51
N LEU A 355 22.93 -54.07 -2.33
CA LEU A 355 21.62 -54.70 -2.38
C LEU A 355 21.71 -56.13 -2.96
N LEU A 356 22.67 -56.36 -3.85
CA LEU A 356 22.86 -57.66 -4.52
C LEU A 356 23.67 -58.64 -3.64
N ARG A 357 24.68 -58.15 -2.93
CA ARG A 357 25.64 -58.97 -2.22
C ARG A 357 25.58 -58.94 -0.70
N GLY A 358 25.07 -57.86 -0.11
CA GLY A 358 24.94 -57.75 1.33
C GLY A 358 25.93 -56.82 1.98
N HIS A 359 26.99 -56.42 1.25
CA HIS A 359 28.07 -55.50 1.74
C HIS A 359 28.51 -54.55 0.59
N SER A 360 29.06 -53.36 0.90
CA SER A 360 29.63 -52.49 -0.14
C SER A 360 30.75 -53.23 -0.81
N PRO A 361 31.06 -52.89 -2.06
CA PRO A 361 32.11 -53.60 -2.76
C PRO A 361 33.55 -53.30 -2.30
N PHE A 362 33.70 -52.37 -1.37
CA PHE A 362 35.01 -51.99 -0.81
C PHE A 362 35.07 -52.28 0.69
N ARG A 363 34.21 -53.19 1.15
CA ARG A 363 34.21 -53.67 2.52
C ARG A 363 34.13 -55.21 2.44
N GLN A 364 35.30 -55.87 2.49
CA GLN A 364 35.47 -57.21 1.89
C GLN A 364 35.02 -58.31 2.82
N HIS A 365 35.66 -58.33 4.00
CA HIS A 365 35.45 -59.34 5.05
C HIS A 365 34.95 -58.64 6.31
N LYS A 366 33.77 -58.02 6.21
CA LYS A 366 33.10 -57.36 7.36
C LYS A 366 33.97 -56.25 8.01
N THR A 367 35.11 -55.92 7.39
CA THR A 367 36.16 -55.16 8.07
C THR A 367 35.84 -53.66 8.09
N LYS A 368 36.42 -52.97 9.07
CA LYS A 368 36.09 -51.57 9.35
C LYS A 368 37.26 -50.59 9.23
N ASP A 369 38.41 -51.06 8.74
CA ASP A 369 39.59 -50.20 8.62
C ASP A 369 39.19 -49.12 7.61
N LYS A 370 38.91 -47.93 8.13
CA LYS A 370 38.34 -46.84 7.34
C LYS A 370 39.31 -46.43 6.24
N HIS A 371 40.60 -46.39 6.62
CA HIS A 371 41.69 -46.10 5.69
C HIS A 371 41.79 -47.14 4.57
N GLU A 372 41.53 -48.41 4.88
CA GLU A 372 41.66 -49.50 3.89
C GLU A 372 40.48 -49.53 2.90
N ILE A 373 39.27 -49.34 3.40
CA ILE A 373 38.07 -49.18 2.53
C ILE A 373 38.41 -48.17 1.42
N ASP A 374 39.03 -47.06 1.81
CA ASP A 374 39.44 -46.01 0.89
C ASP A 374 40.52 -46.43 -0.11
N ARG A 375 41.50 -47.22 0.34
CA ARG A 375 42.61 -47.62 -0.52
C ARG A 375 42.10 -48.56 -1.62
N MET A 376 41.12 -49.42 -1.26
CA MET A 376 40.42 -50.30 -2.22
C MET A 376 39.62 -49.54 -3.29
N THR A 377 38.98 -48.44 -2.89
CA THR A 377 38.27 -47.54 -3.82
C THR A 377 39.23 -46.82 -4.76
N LEU A 378 40.30 -46.29 -4.19
CA LEU A 378 41.36 -45.62 -4.98
C LEU A 378 42.19 -46.58 -5.87
N THR A 379 42.50 -47.80 -5.39
CA THR A 379 43.44 -48.71 -6.11
C THR A 379 42.76 -49.81 -6.98
N MET A 380 42.27 -50.91 -6.40
CA MET A 380 41.77 -52.03 -7.21
C MET A 380 40.39 -51.75 -7.82
N ALA A 381 40.25 -52.07 -9.10
CA ALA A 381 38.95 -52.22 -9.70
C ALA A 381 38.34 -53.50 -9.11
N VAL A 382 37.02 -53.56 -9.09
CA VAL A 382 36.32 -54.58 -8.34
C VAL A 382 36.09 -55.77 -9.23
N GLU A 383 36.32 -56.98 -8.72
CA GLU A 383 35.93 -58.18 -9.48
C GLU A 383 34.44 -58.35 -9.31
N LEU A 384 33.74 -58.54 -10.42
CA LEU A 384 32.33 -58.78 -10.33
C LEU A 384 32.16 -60.28 -10.41
N PRO A 385 31.40 -60.87 -9.47
CA PRO A 385 31.23 -62.30 -9.49
C PRO A 385 30.61 -62.73 -10.77
N ASP A 386 31.00 -63.92 -11.24
CA ASP A 386 30.54 -64.46 -12.53
C ASP A 386 29.04 -64.58 -12.67
N SER A 387 28.33 -64.48 -11.55
CA SER A 387 26.88 -64.78 -11.49
C SER A 387 26.07 -63.60 -11.97
N PHE A 388 26.62 -62.40 -11.87
CA PHE A 388 25.99 -61.23 -12.45
C PHE A 388 25.80 -61.39 -13.93
N SER A 389 24.62 -61.00 -14.43
CA SER A 389 24.38 -60.89 -15.87
C SER A 389 25.42 -59.93 -16.52
N PRO A 390 25.68 -60.08 -17.84
CA PRO A 390 26.48 -59.14 -18.63
C PRO A 390 25.90 -57.71 -18.62
N GLU A 391 24.62 -57.53 -18.87
CA GLU A 391 24.02 -56.19 -18.75
C GLU A 391 24.34 -55.53 -17.35
N LEU A 392 24.26 -56.31 -16.27
CA LEU A 392 24.56 -55.79 -14.91
C LEU A 392 26.05 -55.52 -14.74
N ARG A 393 26.86 -56.35 -15.36
CA ARG A 393 28.31 -56.13 -15.36
C ARG A 393 28.62 -54.82 -16.06
N SER A 394 28.12 -54.62 -17.28
CA SER A 394 28.33 -53.38 -18.06
C SER A 394 27.93 -52.11 -17.24
N LEU A 395 26.81 -52.21 -16.51
CA LEU A 395 26.33 -51.11 -15.65
C LEU A 395 27.29 -50.84 -14.51
N LEU A 396 27.66 -51.84 -13.71
CA LEU A 396 28.53 -51.55 -12.56
C LEU A 396 29.95 -51.15 -12.96
N GLU A 397 30.47 -51.72 -14.05
CA GLU A 397 31.76 -51.28 -14.67
C GLU A 397 31.63 -49.85 -15.23
N GLY A 398 30.45 -49.53 -15.78
CA GLY A 398 30.13 -48.15 -16.12
C GLY A 398 30.18 -47.20 -14.92
N LEU A 399 29.49 -47.55 -13.83
CA LEU A 399 29.23 -46.62 -12.72
C LEU A 399 30.37 -46.54 -11.78
N LEU A 400 31.16 -47.62 -11.70
CA LEU A 400 32.31 -47.65 -10.80
C LEU A 400 33.67 -47.28 -11.43
N GLN A 401 33.71 -46.73 -12.65
CA GLN A 401 35.00 -46.24 -13.20
C GLN A 401 35.58 -45.26 -12.19
N ARG A 402 36.88 -45.35 -11.94
CA ARG A 402 37.53 -44.48 -10.94
C ARG A 402 37.69 -43.07 -11.52
N ASP A 403 38.02 -43.03 -12.81
CA ASP A 403 38.16 -41.81 -13.59
C ASP A 403 36.74 -41.29 -13.96
N VAL A 404 36.43 -40.07 -13.51
CA VAL A 404 35.18 -39.39 -13.82
C VAL A 404 34.98 -39.31 -15.32
N ASN A 405 36.05 -39.03 -16.04
CA ASN A 405 36.00 -38.83 -17.50
C ASN A 405 35.53 -40.07 -18.28
N ARG A 406 35.55 -41.25 -17.65
CA ARG A 406 35.04 -42.52 -18.23
C ARG A 406 33.70 -43.03 -17.63
N ARG A 407 33.20 -42.36 -16.59
CA ARG A 407 32.16 -42.91 -15.72
C ARG A 407 30.75 -42.63 -16.23
N LEU A 408 29.93 -43.65 -16.22
CA LEU A 408 28.58 -43.57 -16.68
C LEU A 408 27.83 -42.48 -15.89
N GLY A 409 27.23 -41.56 -16.64
CA GLY A 409 26.57 -40.41 -16.05
C GLY A 409 27.41 -39.16 -15.94
N CYS A 410 28.72 -39.24 -16.23
CA CYS A 410 29.56 -38.04 -16.25
C CYS A 410 30.05 -37.67 -17.65
N LEU A 411 29.67 -38.41 -18.69
CA LEU A 411 30.14 -38.11 -20.05
C LEU A 411 29.39 -36.95 -20.71
N GLY A 412 28.70 -36.11 -19.94
CA GLY A 412 28.00 -34.93 -20.47
C GLY A 412 26.52 -35.00 -20.80
N ARG A 413 25.87 -36.15 -20.55
CA ARG A 413 24.40 -36.20 -20.62
C ARG A 413 23.68 -36.64 -19.30
N GLY A 414 24.41 -36.68 -18.19
CA GLY A 414 23.86 -37.02 -16.85
C GLY A 414 23.15 -38.38 -16.71
N ALA A 415 22.01 -38.37 -16.02
CA ALA A 415 21.16 -39.58 -15.82
C ALA A 415 20.79 -40.35 -17.11
N GLN A 416 20.66 -39.61 -18.22
CA GLN A 416 20.25 -40.18 -19.48
C GLN A 416 21.23 -41.26 -19.94
N GLU A 417 22.49 -41.13 -19.55
CA GLU A 417 23.52 -42.14 -19.86
C GLU A 417 23.25 -43.42 -19.06
N VAL A 418 22.92 -43.26 -17.79
CA VAL A 418 22.57 -44.39 -16.94
C VAL A 418 21.28 -45.07 -17.38
N LYS A 419 20.29 -44.29 -17.79
CA LYS A 419 19.02 -44.84 -18.21
C LYS A 419 19.08 -45.68 -19.48
N GLU A 420 20.08 -45.40 -20.29
CA GLU A 420 20.31 -46.06 -21.57
C GLU A 420 21.11 -47.37 -21.45
N SER A 421 21.75 -47.57 -20.31
CA SER A 421 22.42 -48.80 -20.03
C SER A 421 21.59 -50.01 -20.45
N PRO A 422 22.26 -51.04 -21.00
CA PRO A 422 21.61 -52.33 -21.28
C PRO A 422 20.72 -52.92 -20.13
N PHE A 423 21.15 -52.67 -18.89
CA PHE A 423 20.55 -53.19 -17.71
C PHE A 423 19.14 -52.72 -17.59
N PHE A 424 18.87 -51.52 -18.05
CA PHE A 424 17.52 -51.01 -18.01
C PHE A 424 16.77 -51.13 -19.28
N ARG A 425 17.14 -52.02 -20.22
CA ARG A 425 16.45 -51.99 -21.53
C ARG A 425 14.97 -52.27 -21.46
N SER A 426 14.52 -53.04 -20.47
CA SER A 426 13.12 -53.42 -20.35
C SER A 426 12.20 -52.27 -19.91
N LEU A 427 12.78 -51.22 -19.34
CA LEU A 427 12.00 -50.19 -18.70
C LEU A 427 11.56 -49.07 -19.63
N ASP A 428 10.30 -48.71 -19.49
CA ASP A 428 9.78 -47.44 -19.89
C ASP A 428 9.91 -46.39 -18.73
N TRP A 429 10.81 -45.42 -18.90
CA TRP A 429 11.14 -44.47 -17.86
C TRP A 429 10.02 -43.52 -17.45
N GLN A 430 9.06 -43.31 -18.33
CA GLN A 430 7.88 -42.59 -18.00
C GLN A 430 7.02 -43.40 -17.02
N MET A 431 6.91 -44.72 -17.23
CA MET A 431 6.25 -45.57 -16.28
C MET A 431 6.98 -45.62 -14.91
N VAL A 432 8.31 -45.59 -14.89
CA VAL A 432 9.05 -45.49 -13.64
C VAL A 432 8.58 -44.24 -12.91
N PHE A 433 8.61 -43.12 -13.64
CA PHE A 433 8.24 -41.81 -13.10
C PHE A 433 6.87 -41.79 -12.50
N LEU A 434 5.92 -42.43 -13.14
CA LEU A 434 4.57 -42.49 -12.65
C LEU A 434 4.34 -43.59 -11.60
N GLN A 435 5.40 -44.24 -11.12
CA GLN A 435 5.37 -45.20 -10.04
C GLN A 435 4.45 -46.34 -10.43
N LYS A 436 4.49 -46.76 -11.69
CA LYS A 436 3.60 -47.79 -12.20
C LYS A 436 4.17 -49.22 -12.02
N TYR A 437 5.46 -49.36 -11.77
CA TYR A 437 6.03 -50.66 -11.65
C TYR A 437 5.71 -51.26 -10.24
N PRO A 438 5.49 -52.59 -10.17
CA PRO A 438 5.17 -53.24 -8.91
C PRO A 438 6.42 -53.31 -8.03
N PRO A 439 6.32 -52.79 -6.81
CA PRO A 439 7.44 -52.83 -5.98
C PRO A 439 7.70 -54.31 -5.45
N PRO A 440 8.97 -54.67 -5.19
CA PRO A 440 9.40 -55.98 -4.71
C PRO A 440 8.98 -56.37 -3.29
N LEU A 441 8.74 -55.39 -2.43
CA LEU A 441 8.58 -55.58 -0.99
C LEU A 441 7.54 -54.55 -0.52
N ILE A 442 6.37 -55.06 -0.17
CA ILE A 442 5.28 -54.26 0.35
C ILE A 442 5.34 -54.32 1.86
N PRO A 443 5.67 -53.20 2.52
CA PRO A 443 5.92 -53.34 3.96
C PRO A 443 4.68 -53.80 4.74
N PRO A 444 4.85 -54.74 5.69
CA PRO A 444 3.74 -55.11 6.59
C PRO A 444 3.28 -53.88 7.36
N ARG A 445 1.97 -53.71 7.43
CA ARG A 445 1.34 -52.53 8.04
C ARG A 445 1.57 -52.50 9.56
N GLY A 446 1.93 -51.31 10.07
CA GLY A 446 2.27 -51.12 11.49
C GLY A 446 3.62 -51.69 11.93
N GLU A 447 4.54 -51.92 10.98
CA GLU A 447 5.85 -52.54 11.25
C GLU A 447 6.69 -51.66 12.16
N VAL A 448 7.01 -52.20 13.32
CA VAL A 448 7.69 -51.43 14.37
C VAL A 448 9.21 -51.43 14.12
N ASN A 449 9.88 -50.35 14.55
CA ASN A 449 11.35 -50.23 14.49
C ASN A 449 11.97 -50.41 13.08
N ALA A 450 11.23 -50.01 12.04
CA ALA A 450 11.65 -50.24 10.65
C ALA A 450 12.60 -49.17 10.04
N ALA A 451 12.92 -48.13 10.80
CA ALA A 451 13.83 -47.09 10.32
C ALA A 451 14.59 -46.49 11.48
N ASP A 452 15.37 -47.35 12.15
CA ASP A 452 16.37 -46.90 13.13
C ASP A 452 17.74 -46.93 12.46
N ALA A 453 18.58 -45.92 12.77
CA ALA A 453 19.99 -45.95 12.37
C ALA A 453 20.68 -47.05 13.22
N PHE A 454 21.85 -47.55 12.79
CA PHE A 454 22.61 -48.59 13.56
C PHE A 454 22.75 -48.22 15.07
N ASP A 455 22.60 -46.94 15.43
CA ASP A 455 22.62 -46.50 16.84
C ASP A 455 21.26 -45.91 17.19
N ILE A 467 24.00 -29.72 29.64
CA ILE A 467 23.89 -29.01 28.33
C ILE A 467 22.65 -28.08 28.21
N LYS A 468 22.88 -26.77 28.04
CA LYS A 468 21.81 -25.78 27.95
C LYS A 468 21.75 -25.08 26.58
N LEU A 469 20.61 -24.47 26.32
CA LEU A 469 20.35 -23.71 25.10
C LEU A 469 20.65 -22.25 25.43
N LEU A 470 21.75 -21.73 24.90
CA LEU A 470 22.07 -20.29 25.07
C LEU A 470 21.20 -19.51 24.08
N ASP A 471 21.19 -18.20 24.20
CA ASP A 471 20.51 -17.38 23.19
C ASP A 471 21.33 -17.37 21.89
N SER A 472 22.65 -17.55 22.00
CA SER A 472 23.52 -17.73 20.83
C SER A 472 23.22 -19.05 20.07
N ASP A 473 22.87 -20.11 20.81
CA ASP A 473 22.28 -21.34 20.21
C ASP A 473 20.98 -21.02 19.39
N GLN A 474 19.98 -20.36 20.01
CA GLN A 474 18.73 -19.97 19.34
C GLN A 474 19.00 -19.08 18.15
N GLU A 475 19.94 -18.14 18.30
CA GLU A 475 20.38 -17.24 17.20
C GLU A 475 20.82 -17.96 15.90
N LEU A 476 21.46 -19.14 16.01
CA LEU A 476 21.79 -19.93 14.80
C LEU A 476 20.57 -20.34 13.95
N TYR A 477 19.40 -20.50 14.58
CA TYR A 477 18.17 -20.98 13.95
C TYR A 477 17.19 -19.87 13.58
N ARG A 478 17.68 -18.65 13.59
CA ARG A 478 16.84 -17.49 13.35
C ARG A 478 16.05 -17.59 12.05
N ASN A 479 16.72 -18.01 10.98
CA ASN A 479 16.14 -18.08 9.64
C ASN A 479 15.76 -19.53 9.30
N PHE A 480 15.54 -20.36 10.31
CA PHE A 480 15.12 -21.71 10.09
C PHE A 480 13.67 -21.79 9.56
N PRO A 481 12.68 -21.10 10.18
CA PRO A 481 11.31 -21.29 9.67
C PRO A 481 11.19 -21.01 8.16
N LEU A 482 10.38 -21.82 7.47
CA LEU A 482 10.20 -21.63 6.06
C LEU A 482 8.93 -22.33 5.61
N THR A 483 8.19 -21.69 4.73
CA THR A 483 7.09 -22.34 4.01
C THR A 483 7.40 -22.42 2.51
N ILE A 484 7.22 -23.62 1.93
CA ILE A 484 7.40 -23.81 0.50
C ILE A 484 6.06 -23.49 -0.16
N SER A 485 6.01 -22.33 -0.81
CA SER A 485 4.73 -21.79 -1.32
C SER A 485 3.93 -22.83 -2.14
N GLU A 486 4.61 -23.44 -3.10
CA GLU A 486 3.98 -24.45 -3.98
C GLU A 486 3.39 -25.67 -3.19
N ARG A 487 4.06 -26.08 -2.15
CA ARG A 487 3.59 -27.18 -1.30
C ARG A 487 2.39 -26.79 -0.53
N TRP A 488 2.35 -25.59 0.00
CA TRP A 488 1.14 -25.18 0.77
C TRP A 488 -0.08 -24.99 -0.15
N GLN A 489 0.16 -24.35 -1.27
CA GLN A 489 -0.91 -24.12 -2.24
C GLN A 489 -1.47 -25.42 -2.76
N GLN A 490 -0.62 -26.41 -3.04
CA GLN A 490 -1.11 -27.73 -3.51
C GLN A 490 -1.90 -28.42 -2.40
N GLU A 491 -1.40 -28.37 -1.17
CA GLU A 491 -2.12 -28.96 -0.03
C GLU A 491 -3.54 -28.40 0.06
N VAL A 492 -3.62 -27.10 0.03
CA VAL A 492 -4.86 -26.40 0.13
C VAL A 492 -5.75 -26.74 -1.03
N ALA A 493 -5.19 -26.70 -2.22
CA ALA A 493 -5.99 -26.97 -3.43
C ALA A 493 -6.66 -28.32 -3.44
N GLU A 494 -5.94 -29.30 -2.92
CA GLU A 494 -6.43 -30.67 -3.03
C GLU A 494 -7.29 -31.05 -1.82
N THR A 495 -7.63 -30.13 -0.88
CA THR A 495 -8.32 -30.50 0.38
C THR A 495 -9.45 -29.54 0.57
N VAL A 496 -9.18 -28.32 1.03
CA VAL A 496 -10.22 -27.41 1.48
C VAL A 496 -10.56 -26.17 0.58
N PHE A 497 -9.76 -25.93 -0.47
CA PHE A 497 -9.92 -24.67 -1.24
C PHE A 497 -11.36 -24.43 -1.65
N ASP A 498 -11.97 -25.42 -2.29
CA ASP A 498 -13.30 -25.21 -2.88
C ASP A 498 -14.36 -24.96 -1.81
N THR A 499 -14.29 -25.72 -0.73
CA THR A 499 -15.30 -25.62 0.29
C THR A 499 -15.17 -24.26 1.05
N ILE A 500 -13.97 -23.88 1.43
CA ILE A 500 -13.74 -22.60 2.07
C ILE A 500 -14.22 -21.48 1.15
N ASN A 501 -13.98 -21.60 -0.16
CA ASN A 501 -14.40 -20.50 -1.07
C ASN A 501 -15.90 -20.32 -1.10
N ALA A 502 -16.62 -21.44 -1.11
CA ALA A 502 -18.08 -21.43 -1.09
C ALA A 502 -18.61 -20.84 0.23
N GLU A 503 -18.13 -21.35 1.35
CA GLU A 503 -18.53 -20.85 2.68
C GLU A 503 -18.25 -19.35 2.76
N THR A 504 -17.06 -18.94 2.27
CA THR A 504 -16.64 -17.55 2.35
C THR A 504 -17.53 -16.67 1.45
N ASP A 505 -17.85 -17.19 0.28
CA ASP A 505 -18.80 -16.56 -0.58
C ASP A 505 -20.15 -16.30 0.09
N ARG A 506 -20.64 -17.28 0.85
CA ARG A 506 -21.93 -17.15 1.51
C ARG A 506 -21.88 -16.15 2.67
N LEU A 507 -20.83 -16.23 3.49
CA LEU A 507 -20.58 -15.26 4.53
C LEU A 507 -20.56 -13.81 3.98
N GLU A 508 -19.91 -13.59 2.82
CA GLU A 508 -19.80 -12.21 2.28
C GLU A 508 -21.12 -11.69 1.68
N ALA A 509 -21.87 -12.57 1.02
CA ALA A 509 -23.21 -12.26 0.54
C ALA A 509 -24.11 -11.80 1.75
N ARG A 510 -24.00 -12.53 2.86
CA ARG A 510 -24.80 -12.28 4.03
C ARG A 510 -24.43 -10.91 4.66
N LYS A 511 -23.13 -10.59 4.80
CA LYS A 511 -22.75 -9.29 5.40
C LYS A 511 -23.22 -8.12 4.51
N LYS A 512 -23.31 -8.39 3.20
CA LYS A 512 -23.74 -7.42 2.21
C LYS A 512 -25.24 -7.06 2.31
N ALA A 513 -26.17 -8.04 2.20
CA ALA A 513 -27.60 -7.83 2.51
C ALA A 513 -27.77 -7.10 3.88
N LYS A 514 -27.34 -7.69 4.98
CA LYS A 514 -27.45 -7.04 6.28
C LYS A 514 -26.96 -5.55 6.23
N ASN A 515 -25.75 -5.31 5.68
CA ASN A 515 -25.28 -3.93 5.51
C ASN A 515 -26.27 -2.99 4.78
N LYS A 516 -27.00 -3.52 3.80
CA LYS A 516 -27.92 -2.67 3.05
C LYS A 516 -29.29 -2.43 3.71
N GLN A 517 -29.79 -3.41 4.48
CA GLN A 517 -31.01 -3.21 5.29
C GLN A 517 -30.72 -2.10 6.28
N LEU A 518 -29.59 -2.18 6.98
CA LEU A 518 -29.08 -1.08 7.85
C LEU A 518 -28.95 0.31 7.22
N GLY A 519 -28.89 0.37 5.88
CA GLY A 519 -28.66 1.63 5.12
C GLY A 519 -27.21 1.95 4.95
N HIS A 520 -26.38 0.91 5.10
CA HIS A 520 -24.93 1.06 5.16
C HIS A 520 -24.30 0.41 3.91
N GLU A 521 -23.69 1.25 3.05
CA GLU A 521 -22.74 0.74 2.06
C GLU A 521 -21.39 0.92 2.72
N GLU A 522 -20.53 -0.13 2.73
CA GLU A 522 -19.17 0.12 3.18
C GLU A 522 -18.42 0.84 2.03
N ASP A 523 -18.70 2.15 1.89
CA ASP A 523 -18.14 2.98 0.84
C ASP A 523 -17.25 4.14 1.33
N TYR A 524 -16.89 4.18 2.61
CA TYR A 524 -16.19 5.34 3.18
C TYR A 524 -14.81 5.60 2.52
N ALA A 525 -14.15 4.54 2.08
CA ALA A 525 -12.87 4.66 1.38
C ALA A 525 -12.99 5.13 -0.05
N LEU A 526 -14.17 5.31 -0.60
CA LEU A 526 -14.34 5.52 -2.05
C LEU A 526 -14.58 6.97 -2.39
N GLY A 527 -14.12 7.34 -3.56
CA GLY A 527 -14.34 8.64 -4.09
C GLY A 527 -13.55 9.76 -3.47
N LYS A 528 -12.45 9.44 -2.79
CA LYS A 528 -11.73 10.44 -1.96
C LYS A 528 -10.28 10.26 -2.40
N ASP A 529 -9.32 10.42 -1.51
CA ASP A 529 -7.94 10.17 -1.83
C ASP A 529 -7.36 9.23 -0.75
N CYS A 530 -8.17 8.35 -0.20
CA CYS A 530 -7.73 7.35 0.75
C CYS A 530 -6.58 6.47 0.16
N ILE A 531 -5.47 6.33 0.86
CA ILE A 531 -4.31 5.62 0.42
C ILE A 531 -4.48 4.14 0.75
N MET A 532 -4.98 3.80 1.92
CA MET A 532 -5.05 2.37 2.32
C MET A 532 -5.97 2.32 3.50
N HIS A 533 -6.58 1.18 3.74
CA HIS A 533 -7.53 1.01 4.84
C HIS A 533 -7.52 -0.42 5.30
N GLY A 534 -7.94 -0.66 6.54
CA GLY A 534 -8.07 -2.00 7.12
C GLY A 534 -8.21 -1.99 8.66
N TYR A 535 -8.30 -3.17 9.25
CA TYR A 535 -8.35 -3.33 10.69
C TYR A 535 -6.97 -3.25 11.28
N MET A 536 -6.86 -2.59 12.42
CA MET A 536 -5.73 -2.77 13.28
C MET A 536 -6.27 -2.67 14.71
N SER A 537 -5.43 -3.00 15.67
CA SER A 537 -5.77 -2.75 17.04
C SER A 537 -4.99 -1.61 17.64
N LYS A 538 -5.65 -0.76 18.46
CA LYS A 538 -5.04 0.44 18.99
C LYS A 538 -4.98 0.47 20.52
N MET A 539 -4.03 1.24 20.99
CA MET A 539 -3.87 1.57 22.39
C MET A 539 -3.26 2.99 22.49
N GLY A 540 -3.73 3.76 23.46
CA GLY A 540 -3.13 5.07 23.78
C GLY A 540 -2.27 4.99 25.05
N ASN A 541 -2.64 5.87 25.98
CA ASN A 541 -2.19 5.81 27.38
C ASN A 541 -2.30 4.38 27.98
N PRO A 542 -1.19 3.79 28.46
CA PRO A 542 -1.29 2.37 28.95
C PRO A 542 -2.20 2.11 30.20
N PHE A 543 -2.37 3.12 31.07
CA PHE A 543 -3.22 3.03 32.27
C PHE A 543 -4.69 3.21 31.91
N LEU A 544 -4.98 4.25 31.12
CA LEU A 544 -6.37 4.62 30.74
C LEU A 544 -7.09 3.70 29.70
N THR A 545 -6.35 3.23 28.70
CA THR A 545 -6.89 2.45 27.56
C THR A 545 -6.55 0.94 27.65
N GLN A 546 -7.00 0.22 26.64
CA GLN A 546 -6.61 -1.18 26.41
C GLN A 546 -6.73 -1.42 24.90
N TRP A 547 -6.35 -2.61 24.44
CA TRP A 547 -6.47 -2.99 23.01
C TRP A 547 -7.90 -2.88 22.51
N GLN A 548 -8.06 -2.06 21.50
CA GLN A 548 -9.33 -1.94 20.86
C GLN A 548 -9.06 -2.13 19.36
N ARG A 549 -9.79 -3.06 18.80
CA ARG A 549 -9.82 -3.28 17.36
C ARG A 549 -10.72 -2.24 16.68
N ARG A 550 -10.13 -1.56 15.69
CA ARG A 550 -10.82 -0.58 14.91
C ARG A 550 -10.41 -0.71 13.44
N TYR A 551 -11.15 0.01 12.63
CA TYR A 551 -11.00 0.06 11.22
C TYR A 551 -10.45 1.41 10.86
N PHE A 552 -9.27 1.38 10.25
CA PHE A 552 -8.48 2.55 9.95
C PHE A 552 -8.54 2.96 8.48
N TYR A 553 -8.52 4.27 8.22
CA TYR A 553 -8.41 4.80 6.87
C TYR A 553 -7.29 5.79 6.87
N LEU A 554 -6.30 5.50 6.01
CA LEU A 554 -5.19 6.39 5.83
C LEU A 554 -5.42 7.28 4.66
N PHE A 555 -5.37 8.58 4.90
CA PHE A 555 -5.47 9.64 3.89
C PHE A 555 -4.13 10.38 3.85
N PRO A 556 -3.90 11.18 2.81
CA PRO A 556 -2.60 11.83 2.73
C PRO A 556 -2.25 12.74 3.91
N ASN A 557 -3.25 13.34 4.56
CA ASN A 557 -2.94 14.20 5.76
C ASN A 557 -3.39 13.72 7.12
N ARG A 558 -3.92 12.50 7.23
CA ARG A 558 -4.41 12.01 8.51
C ARG A 558 -4.73 10.52 8.41
N LEU A 559 -4.82 9.89 9.58
CA LEU A 559 -5.24 8.51 9.80
C LEU A 559 -6.49 8.53 10.69
N GLU A 560 -7.63 8.13 10.13
CA GLU A 560 -8.90 8.14 10.80
C GLU A 560 -9.20 6.72 11.23
N TRP A 561 -9.99 6.54 12.31
CA TRP A 561 -10.50 5.22 12.70
C TRP A 561 -11.92 5.22 13.19
N ARG A 562 -12.60 4.07 13.04
CA ARG A 562 -13.97 3.91 13.44
C ARG A 562 -14.18 2.59 14.17
N GLY A 563 -15.20 2.59 15.06
CA GLY A 563 -15.75 1.33 15.52
C GLY A 563 -16.77 0.81 14.52
N GLU A 564 -17.50 -0.22 14.94
CA GLU A 564 -18.55 -0.82 14.10
C GLU A 564 -19.86 -0.01 14.23
N GLY A 565 -20.62 0.12 13.16
CA GLY A 565 -21.87 0.97 13.25
C GLY A 565 -21.79 2.50 13.33
N GLU A 566 -20.63 3.11 13.03
CA GLU A 566 -20.49 4.53 12.78
C GLU A 566 -19.31 4.85 11.88
N ALA A 567 -19.38 5.98 11.18
CA ALA A 567 -18.24 6.52 10.46
C ALA A 567 -17.16 7.05 11.41
N PRO A 568 -15.92 7.25 10.91
CA PRO A 568 -14.87 7.70 11.83
C PRO A 568 -15.17 9.01 12.60
N GLN A 569 -14.82 9.01 13.89
CA GLN A 569 -14.97 10.18 14.74
C GLN A 569 -13.67 10.54 15.42
N SER A 570 -12.58 9.85 15.11
CA SER A 570 -11.29 10.15 15.67
C SER A 570 -10.19 10.05 14.60
N LEU A 571 -9.08 10.73 14.82
CA LEU A 571 -7.96 10.64 13.87
C LEU A 571 -6.68 11.14 14.47
N LEU A 572 -5.55 10.88 13.85
CA LEU A 572 -4.29 11.60 14.08
C LEU A 572 -3.96 12.20 12.77
N THR A 573 -3.45 13.41 12.83
CA THR A 573 -2.98 14.11 11.63
C THR A 573 -1.54 13.63 11.35
N MET A 574 -1.16 13.65 10.07
CA MET A 574 0.20 13.28 9.68
C MET A 574 1.20 14.29 10.32
N GLU A 575 0.77 15.57 10.42
CA GLU A 575 1.49 16.61 11.14
C GLU A 575 1.92 16.24 12.55
N GLU A 576 1.03 15.60 13.32
CA GLU A 576 1.31 15.23 14.74
C GLU A 576 2.29 14.03 14.84
N ILE A 577 2.58 13.34 13.77
CA ILE A 577 3.34 12.08 13.90
C ILE A 577 4.81 12.40 13.79
N GLN A 578 5.63 11.98 14.72
CA GLN A 578 7.07 12.32 14.68
C GLN A 578 7.92 11.19 14.13
N SER A 579 7.48 9.96 14.35
CA SER A 579 8.22 8.80 13.94
C SER A 579 7.29 7.58 14.03
N VAL A 580 7.63 6.56 13.25
CA VAL A 580 6.97 5.25 13.29
C VAL A 580 8.09 4.21 13.46
N GLU A 581 8.02 3.38 14.53
CA GLU A 581 9.08 2.40 14.92
C GLU A 581 8.43 1.04 15.20
N GLU A 582 9.12 -0.05 14.86
CA GLU A 582 8.75 -1.35 15.40
C GLU A 582 9.10 -1.43 16.90
N THR A 583 8.36 -2.26 17.63
CA THR A 583 8.61 -2.48 19.06
C THR A 583 7.87 -3.73 19.54
N GLN A 584 8.47 -4.40 20.54
CA GLN A 584 7.93 -5.65 21.07
C GLN A 584 7.06 -5.37 22.28
N ILE A 585 5.88 -6.00 22.32
CA ILE A 585 5.01 -6.01 23.49
C ILE A 585 4.50 -7.43 23.66
N LYS A 586 5.03 -8.16 24.66
CA LYS A 586 4.64 -9.56 24.95
C LYS A 586 4.80 -10.49 23.72
N GLU A 587 6.05 -10.66 23.30
CA GLU A 587 6.42 -11.55 22.17
C GLU A 587 5.69 -11.25 20.81
N ARG A 588 5.19 -10.01 20.67
CA ARG A 588 4.46 -9.59 19.47
C ARG A 588 4.90 -8.17 19.03
N LYS A 589 5.30 -8.08 17.75
CA LYS A 589 5.65 -6.81 17.08
C LYS A 589 4.45 -5.89 16.97
N CYS A 590 4.66 -4.63 17.35
CA CYS A 590 3.69 -3.56 17.18
C CYS A 590 4.35 -2.40 16.50
N LEU A 591 3.54 -1.38 16.15
CA LEU A 591 4.07 -0.12 15.64
C LEU A 591 3.92 0.95 16.71
N LEU A 592 4.96 1.72 16.92
CA LEU A 592 4.92 2.76 17.92
C LEU A 592 5.04 4.06 17.19
N LEU A 593 3.98 4.85 17.28
CA LEU A 593 3.96 6.17 16.72
C LEU A 593 4.19 7.15 17.87
N LYS A 594 5.28 7.90 17.80
CA LYS A 594 5.49 9.02 18.71
C LYS A 594 4.77 10.29 18.17
N ILE A 595 3.93 10.85 19.01
CA ILE A 595 3.03 11.91 18.66
C ILE A 595 3.52 13.17 19.39
N ARG A 596 3.40 14.35 18.73
CA ARG A 596 3.78 15.69 19.26
C ARG A 596 3.12 15.88 20.60
N GLY A 597 3.92 16.32 21.55
CA GLY A 597 3.52 16.41 22.94
C GLY A 597 3.86 15.17 23.74
N GLY A 598 4.89 14.43 23.30
CA GLY A 598 5.34 13.24 24.01
C GLY A 598 4.31 12.14 24.26
N LYS A 599 3.19 12.12 23.53
CA LYS A 599 2.21 11.03 23.63
C LYS A 599 2.64 9.86 22.75
N GLN A 600 1.92 8.77 22.90
CA GLN A 600 2.19 7.56 22.17
C GLN A 600 0.94 6.96 21.60
N PHE A 601 1.10 6.37 20.41
CA PHE A 601 0.01 5.67 19.77
C PHE A 601 0.61 4.36 19.29
N ILE A 602 0.01 3.26 19.75
CA ILE A 602 0.53 1.95 19.45
C ILE A 602 -0.47 1.15 18.65
N LEU A 603 0.06 0.41 17.65
CA LEU A 603 -0.73 -0.39 16.72
C LEU A 603 -0.24 -1.84 16.65
N GLN A 604 -1.20 -2.74 16.62
CA GLN A 604 -0.92 -4.14 16.39
C GLN A 604 -1.72 -4.51 15.15
N CYS A 605 -1.06 -5.22 14.25
CA CYS A 605 -1.69 -5.69 13.01
C CYS A 605 -1.93 -7.17 13.08
N ASP A 606 -2.83 -7.63 12.24
CA ASP A 606 -3.31 -8.96 12.28
C ASP A 606 -2.44 -9.97 11.54
N SER A 607 -1.56 -9.50 10.66
CA SER A 607 -0.71 -10.40 9.90
C SER A 607 0.63 -9.70 9.60
N ASP A 608 1.65 -10.48 9.27
CA ASP A 608 2.98 -9.99 8.92
C ASP A 608 2.99 -8.98 7.76
N PRO A 609 2.37 -9.28 6.59
CA PRO A 609 2.32 -8.29 5.49
C PRO A 609 1.64 -6.96 5.87
N GLU A 610 0.57 -7.02 6.68
CA GLU A 610 -0.06 -5.81 7.20
C GLU A 610 0.90 -4.98 8.04
N LEU A 611 1.63 -5.57 8.95
CA LEU A 611 2.59 -4.79 9.72
C LEU A 611 3.64 -4.15 8.79
N VAL A 612 4.16 -4.93 7.82
CA VAL A 612 5.14 -4.39 6.89
C VAL A 612 4.48 -3.24 6.13
N GLN A 613 3.27 -3.43 5.60
CA GLN A 613 2.68 -2.37 4.74
C GLN A 613 2.24 -1.08 5.49
N TRP A 614 1.59 -1.26 6.62
CA TRP A 614 1.19 -0.07 7.49
C TRP A 614 2.42 0.69 7.93
N LYS A 615 3.50 -0.01 8.27
CA LYS A 615 4.74 0.71 8.56
C LYS A 615 5.27 1.58 7.43
N LYS A 616 5.35 0.98 6.26
CA LYS A 616 5.85 1.70 5.10
C LYS A 616 4.90 2.86 4.72
N GLU A 617 3.58 2.62 4.74
CA GLU A 617 2.67 3.62 4.26
C GLU A 617 2.60 4.84 5.22
N LEU A 618 2.62 4.58 6.52
CA LEU A 618 2.57 5.62 7.55
C LEU A 618 3.81 6.49 7.44
N ARG A 619 4.95 5.84 7.30
CA ARG A 619 6.20 6.53 7.18
C ARG A 619 6.24 7.39 5.96
N ASP A 620 5.88 6.82 4.82
CA ASP A 620 5.78 7.61 3.60
C ASP A 620 4.78 8.72 3.75
N ALA A 621 3.58 8.44 4.24
CA ALA A 621 2.59 9.52 4.26
C ALA A 621 2.92 10.70 5.24
N TYR A 622 3.41 10.44 6.44
CA TYR A 622 3.81 11.53 7.33
C TYR A 622 5.00 12.39 6.82
N ARG A 623 6.01 11.75 6.26
CA ARG A 623 7.14 12.49 5.70
C ARG A 623 6.70 13.35 4.54
N GLU A 624 5.91 12.81 3.59
CA GLU A 624 5.42 13.62 2.46
C GLU A 624 4.49 14.72 2.95
N ALA A 625 3.62 14.44 3.91
CA ALA A 625 2.67 15.46 4.35
C ALA A 625 3.43 16.62 5.00
N GLN A 626 4.38 16.32 5.86
CA GLN A 626 5.14 17.38 6.55
C GLN A 626 5.99 18.24 5.62
N GLN A 627 6.63 17.63 4.62
CA GLN A 627 7.42 18.44 3.66
C GLN A 627 6.49 19.34 2.84
N LEU A 628 5.30 18.84 2.52
CA LEU A 628 4.30 19.63 1.81
C LEU A 628 3.73 20.78 2.65
N VAL A 629 3.39 20.50 3.88
CA VAL A 629 2.73 21.52 4.73
C VAL A 629 3.66 22.70 4.91
N GLN A 630 4.96 22.41 5.05
CA GLN A 630 6.02 23.42 5.25
C GLN A 630 6.11 24.42 4.06
N ARG A 631 5.74 23.99 2.87
CA ARG A 631 5.69 24.92 1.74
C ARG A 631 4.38 25.71 1.59
N VAL A 632 3.40 25.54 2.46
CA VAL A 632 2.08 26.20 2.20
C VAL A 632 1.83 27.26 3.25
N PRO A 633 1.87 28.53 2.87
CA PRO A 633 1.86 29.56 3.94
C PRO A 633 0.72 29.48 4.98
N LYS A 634 -0.50 29.17 4.50
CA LYS A 634 -1.67 29.00 5.30
C LYS A 634 -1.70 27.73 6.22
N MET A 635 -0.92 26.72 5.91
CA MET A 635 -1.00 25.51 6.70
C MET A 635 0.18 25.38 7.59
N LYS A 636 1.28 26.05 7.33
CA LYS A 636 2.51 25.69 8.09
C LYS A 636 2.46 26.22 9.51
N ASN A 637 3.27 25.67 10.40
CA ASN A 637 3.52 26.38 11.69
C ASN A 637 4.28 27.70 11.49
N LYS A 638 3.80 28.78 12.15
CA LYS A 638 4.49 30.09 12.17
C LYS A 638 5.09 30.43 13.56
N PRO A 639 6.20 31.22 13.62
CA PRO A 639 6.79 31.60 14.95
C PRO A 639 5.77 32.27 15.97
N ARG A 640 5.71 31.78 17.22
CA ARG A 640 4.83 32.32 18.31
C ARG A 640 5.58 32.98 19.48
N ALA A 641 6.87 32.68 19.65
CA ALA A 641 7.83 33.43 20.47
C ALA A 641 9.00 33.88 19.54
N PRO A 642 9.57 35.12 19.72
CA PRO A 642 10.81 35.53 18.98
C PRO A 642 11.90 34.43 18.81
N SER B 1 21.14 50.94 -22.93
CA SER B 1 20.34 49.76 -23.42
C SER B 1 18.84 50.01 -23.21
N GLU B 2 18.03 49.03 -23.63
CA GLU B 2 16.60 49.16 -23.56
C GLU B 2 16.16 48.76 -22.14
N LEU B 3 16.67 47.64 -21.65
CA LEU B 3 16.31 47.13 -20.32
C LEU B 3 16.77 48.07 -19.19
N ASP B 4 17.97 48.62 -19.30
CA ASP B 4 18.48 49.62 -18.35
C ASP B 4 17.42 50.74 -18.17
N GLN B 5 16.98 51.26 -19.32
CA GLN B 5 16.06 52.43 -19.42
C GLN B 5 14.58 52.22 -19.00
N LEU B 6 14.09 50.99 -19.17
CA LEU B 6 12.72 50.65 -18.89
C LEU B 6 12.60 50.49 -17.36
N ARG B 7 13.65 49.91 -16.75
CA ARG B 7 13.79 49.89 -15.28
C ARG B 7 13.80 51.29 -14.68
N GLN B 8 14.55 52.21 -15.30
CA GLN B 8 14.71 53.55 -14.74
C GLN B 8 13.41 54.33 -14.86
N GLU B 9 12.73 54.26 -16.01
CA GLU B 9 11.44 54.89 -16.12
C GLU B 9 10.34 54.27 -15.16
N ALA B 10 10.37 52.97 -14.91
CA ALA B 10 9.53 52.33 -13.87
C ALA B 10 9.74 52.93 -12.48
N GLU B 11 11.00 53.04 -12.07
CA GLU B 11 11.37 53.65 -10.80
C GLU B 11 10.88 55.12 -10.73
N GLN B 12 11.01 55.83 -11.85
CA GLN B 12 10.62 57.24 -11.88
C GLN B 12 9.07 57.35 -11.78
N LEU B 13 8.35 56.43 -12.43
CA LEU B 13 6.88 56.35 -12.31
C LEU B 13 6.46 56.03 -10.86
N LYS B 14 7.20 55.13 -10.19
CA LYS B 14 6.95 54.85 -8.77
C LYS B 14 7.16 56.07 -7.91
N ASN B 15 8.17 56.90 -8.22
CA ASN B 15 8.37 58.17 -7.48
C ASN B 15 7.23 59.16 -7.72
N GLN B 16 6.74 59.26 -8.95
CA GLN B 16 5.65 60.19 -9.27
C GLN B 16 4.33 59.76 -8.53
N ILE B 17 4.09 58.45 -8.43
CA ILE B 17 2.94 57.94 -7.68
C ILE B 17 3.09 58.27 -6.21
N ARG B 18 4.28 58.01 -5.69
CA ARG B 18 4.55 58.33 -4.31
C ARG B 18 4.31 59.83 -4.05
N ASP B 19 4.78 60.68 -4.99
CA ASP B 19 4.67 62.15 -4.82
C ASP B 19 3.21 62.61 -4.89
N ALA B 20 2.44 62.03 -5.79
CA ALA B 20 1.06 62.40 -5.92
C ALA B 20 0.23 61.87 -4.71
N ARG B 21 0.61 60.72 -4.14
CA ARG B 21 -0.04 60.27 -2.88
C ARG B 21 0.19 61.21 -1.70
N LYS B 22 1.44 61.60 -1.54
CA LYS B 22 1.83 62.59 -0.51
C LYS B 22 1.13 63.90 -0.68
N ALA B 23 0.90 64.32 -1.92
CA ALA B 23 0.21 65.58 -2.17
C ALA B 23 -1.25 65.53 -1.65
N CYS B 24 -1.82 64.33 -1.53
CA CYS B 24 -3.14 64.13 -1.02
C CYS B 24 -3.23 63.96 0.49
N ALA B 25 -2.09 63.87 1.16
CA ALA B 25 -2.04 63.52 2.56
C ALA B 25 -2.04 64.76 3.40
N ASP B 26 -3.18 65.44 3.37
CA ASP B 26 -3.36 66.75 4.02
C ASP B 26 -3.70 66.64 5.49
N ALA B 27 -4.19 65.48 5.91
CA ALA B 27 -4.55 65.19 7.28
C ALA B 27 -4.68 63.69 7.43
N THR B 28 -4.96 63.19 8.63
CA THR B 28 -5.06 61.75 8.87
C THR B 28 -6.52 61.44 9.28
N LEU B 29 -6.95 60.23 8.98
CA LEU B 29 -8.14 59.64 9.58
C LEU B 29 -8.18 59.84 11.08
N SER B 30 -7.05 59.63 11.75
CA SER B 30 -7.00 59.76 13.22
C SER B 30 -7.33 61.18 13.70
N GLN B 31 -6.73 62.16 13.07
CA GLN B 31 -7.14 63.57 13.33
C GLN B 31 -8.64 63.82 12.99
N ILE B 32 -9.07 63.32 11.84
CA ILE B 32 -10.44 63.59 11.43
C ILE B 32 -11.45 63.02 12.43
N THR B 33 -11.12 61.88 13.04
CA THR B 33 -12.07 61.26 13.96
C THR B 33 -11.88 61.57 15.43
N ASN B 34 -10.90 62.40 15.78
CA ASN B 34 -10.73 62.79 17.21
C ASN B 34 -11.93 63.21 17.99
N ASN B 35 -12.87 63.84 17.34
CA ASN B 35 -14.07 64.25 18.05
C ASN B 35 -15.15 63.22 18.28
N ILE B 36 -15.10 62.02 17.69
CA ILE B 36 -16.17 61.10 17.94
C ILE B 36 -15.88 60.31 19.19
N ASP B 37 -16.93 59.91 19.90
CA ASP B 37 -16.74 59.13 21.11
C ASP B 37 -16.08 57.76 20.80
N PRO B 38 -15.27 57.28 21.73
CA PRO B 38 -14.79 55.90 21.60
C PRO B 38 -15.99 54.98 21.61
N VAL B 39 -15.84 53.76 21.11
CA VAL B 39 -16.94 52.81 21.09
C VAL B 39 -17.07 52.17 22.47
N GLY B 40 -16.07 52.31 23.34
CA GLY B 40 -16.14 51.70 24.65
C GLY B 40 -15.62 50.26 24.52
N ARG B 41 -16.04 49.43 25.46
CA ARG B 41 -15.52 48.08 25.60
C ARG B 41 -16.45 47.13 24.94
N ILE B 42 -15.93 46.48 23.92
CA ILE B 42 -16.73 45.60 23.17
C ILE B 42 -16.52 44.26 23.81
N GLN B 43 -17.63 43.69 24.23
CA GLN B 43 -17.70 42.45 24.96
C GLN B 43 -18.80 41.58 24.41
N MET B 44 -18.47 40.34 24.07
CA MET B 44 -19.43 39.41 23.49
C MET B 44 -19.34 38.04 24.20
N ARG B 45 -20.43 37.29 24.18
CA ARG B 45 -20.40 35.93 24.65
C ARG B 45 -20.49 34.97 23.52
N THR B 46 -20.04 33.77 23.81
CA THR B 46 -20.15 32.68 22.89
C THR B 46 -21.57 32.19 23.01
N ARG B 47 -22.34 32.33 21.95
CA ARG B 47 -23.73 31.92 21.92
C ARG B 47 -23.91 30.54 21.36
N ARG B 48 -22.99 30.10 20.45
CA ARG B 48 -23.04 28.73 19.90
C ARG B 48 -21.62 28.25 19.76
N THR B 49 -21.46 26.96 20.00
CA THR B 49 -20.29 26.28 19.64
C THR B 49 -20.66 25.23 18.56
N LEU B 50 -19.97 25.22 17.40
CA LEU B 50 -20.25 24.30 16.32
C LEU B 50 -19.21 23.18 16.34
N ARG B 51 -19.65 22.02 16.80
CA ARG B 51 -18.81 20.85 16.96
C ARG B 51 -19.07 19.80 15.91
N GLY B 52 -18.00 19.22 15.40
CA GLY B 52 -18.14 18.15 14.39
C GLY B 52 -16.94 17.98 13.48
N HIS B 53 -16.22 19.05 13.14
CA HIS B 53 -14.97 18.79 12.43
C HIS B 53 -14.03 18.02 13.31
N LEU B 54 -13.23 17.16 12.71
CA LEU B 54 -12.33 16.32 13.42
C LEU B 54 -10.91 16.80 13.39
N ALA B 55 -10.60 17.91 12.72
CA ALA B 55 -9.25 18.44 12.78
C ALA B 55 -9.29 19.92 12.52
N LYS B 56 -8.13 20.53 12.24
CA LYS B 56 -8.11 21.99 12.05
C LYS B 56 -9.15 22.50 11.06
N ILE B 57 -9.74 23.65 11.41
CA ILE B 57 -10.53 24.41 10.45
C ILE B 57 -9.66 25.45 9.82
N TYR B 58 -9.79 25.57 8.48
CA TYR B 58 -9.03 26.56 7.68
C TYR B 58 -9.85 27.74 7.19
N ALA B 59 -11.18 27.59 7.01
CA ALA B 59 -11.98 28.62 6.45
C ALA B 59 -13.39 28.49 6.71
N MET B 60 -14.07 29.61 6.57
CA MET B 60 -15.51 29.68 6.74
C MET B 60 -16.11 30.78 5.86
N HIS B 61 -17.39 30.63 5.57
CA HIS B 61 -18.11 31.68 4.80
C HIS B 61 -19.57 31.67 5.11
N TRP B 62 -20.12 32.82 5.54
CA TRP B 62 -21.58 32.91 5.82
C TRP B 62 -22.42 32.94 4.57
N GLY B 63 -23.56 32.27 4.62
CA GLY B 63 -24.58 32.51 3.65
C GLY B 63 -25.18 33.89 3.84
N THR B 64 -25.79 34.37 2.76
CA THR B 64 -26.45 35.69 2.77
C THR B 64 -27.66 35.77 3.67
N ASP B 65 -28.19 34.64 4.11
CA ASP B 65 -29.30 34.64 5.01
C ASP B 65 -28.90 34.91 6.47
N SER B 66 -27.60 35.10 6.75
CA SER B 66 -27.11 35.34 8.09
C SER B 66 -27.41 34.17 9.01
N ARG B 67 -27.51 32.96 8.44
CA ARG B 67 -27.94 31.83 9.25
C ARG B 67 -27.17 30.52 8.99
N LEU B 68 -27.07 30.13 7.72
CA LEU B 68 -26.21 29.03 7.32
C LEU B 68 -24.81 29.54 7.08
N LEU B 69 -23.85 28.67 7.33
CA LEU B 69 -22.46 28.95 7.02
C LEU B 69 -21.77 27.67 6.60
N VAL B 70 -20.68 27.79 5.85
CA VAL B 70 -19.97 26.61 5.34
C VAL B 70 -18.58 26.76 5.92
N SER B 71 -18.00 25.64 6.42
CA SER B 71 -16.64 25.62 6.89
C SER B 71 -15.89 24.49 6.18
N ALA B 72 -14.57 24.64 6.11
CA ALA B 72 -13.66 23.69 5.49
C ALA B 72 -12.53 23.32 6.44
N SER B 73 -12.14 22.03 6.41
CA SER B 73 -11.26 21.51 7.42
C SER B 73 -10.23 20.52 6.94
N GLN B 74 -9.15 20.41 7.69
CA GLN B 74 -8.12 19.37 7.54
C GLN B 74 -8.68 17.97 7.57
N ASP B 75 -9.88 17.78 8.06
CA ASP B 75 -10.53 16.49 8.01
C ASP B 75 -11.08 16.15 6.64
N GLY B 76 -10.91 17.00 5.65
CA GLY B 76 -11.27 16.65 4.26
C GLY B 76 -12.77 16.75 4.00
N LYS B 77 -13.51 17.50 4.86
CA LYS B 77 -14.89 17.81 4.63
C LYS B 77 -15.20 19.31 4.61
N LEU B 78 -16.31 19.64 3.95
CA LEU B 78 -17.07 20.85 4.19
C LEU B 78 -18.24 20.45 5.11
N ILE B 79 -18.55 21.30 6.07
CA ILE B 79 -19.79 21.19 6.81
C ILE B 79 -20.58 22.48 6.59
N ILE B 80 -21.86 22.34 6.30
CA ILE B 80 -22.80 23.41 6.22
C ILE B 80 -23.71 23.34 7.43
N TRP B 81 -23.68 24.44 8.18
CA TRP B 81 -24.26 24.48 9.48
C TRP B 81 -25.44 25.42 9.47
N ASP B 82 -26.46 25.08 10.24
CA ASP B 82 -27.50 25.98 10.68
C ASP B 82 -27.06 26.63 12.00
N SER B 83 -26.55 27.86 11.93
CA SER B 83 -26.03 28.51 13.15
C SER B 83 -27.07 28.70 14.27
N TYR B 84 -28.37 28.81 13.93
CA TYR B 84 -29.44 29.06 14.92
C TYR B 84 -29.62 27.82 15.87
N THR B 85 -29.64 26.61 15.29
CA THR B 85 -29.88 25.37 16.01
C THR B 85 -28.60 24.63 16.26
N THR B 86 -27.53 24.98 15.54
CA THR B 86 -26.30 24.19 15.47
C THR B 86 -26.35 22.92 14.66
N ASN B 87 -27.45 22.62 14.01
CA ASN B 87 -27.53 21.38 13.24
C ASN B 87 -26.71 21.48 11.90
N LYS B 88 -26.20 20.32 11.50
CA LYS B 88 -25.45 20.16 10.28
C LYS B 88 -26.48 19.90 9.24
N VAL B 89 -26.60 20.85 8.35
CA VAL B 89 -27.53 20.74 7.24
C VAL B 89 -26.91 19.78 6.19
N HIS B 90 -25.59 19.91 5.92
CA HIS B 90 -24.87 18.96 5.05
C HIS B 90 -23.48 18.75 5.63
N ALA B 91 -22.96 17.57 5.38
CA ALA B 91 -21.59 17.21 5.67
C ALA B 91 -21.07 16.63 4.38
N ILE B 92 -20.11 17.27 3.73
CA ILE B 92 -19.61 16.94 2.38
C ILE B 92 -18.13 16.45 2.41
N PRO B 93 -17.94 15.13 2.29
CA PRO B 93 -16.56 14.61 2.18
C PRO B 93 -16.01 14.95 0.80
N LEU B 94 -14.83 15.54 0.77
CA LEU B 94 -14.20 16.00 -0.45
C LEU B 94 -13.31 14.96 -1.19
N ARG B 95 -13.01 15.24 -2.45
CA ARG B 95 -12.18 14.34 -3.23
C ARG B 95 -10.70 14.43 -2.87
N SER B 96 -10.32 15.61 -2.41
CA SER B 96 -8.98 15.91 -1.97
C SER B 96 -9.02 16.33 -0.47
N SER B 97 -8.17 15.70 0.32
CA SER B 97 -7.95 16.02 1.68
C SER B 97 -7.46 17.45 1.93
N TRP B 98 -6.87 18.11 0.91
CA TRP B 98 -6.01 19.20 1.17
C TRP B 98 -6.74 20.56 0.97
N VAL B 99 -8.05 20.57 1.23
CA VAL B 99 -8.85 21.75 1.12
C VAL B 99 -8.28 22.85 2.09
N MET B 100 -8.42 24.10 1.66
CA MET B 100 -7.96 25.32 2.34
C MET B 100 -8.96 26.47 2.37
N THR B 101 -9.95 26.48 1.48
CA THR B 101 -10.83 27.59 1.39
C THR B 101 -12.23 27.10 1.06
N CYS B 102 -13.22 27.95 1.33
CA CYS B 102 -14.57 27.61 0.91
C CYS B 102 -15.37 28.89 0.70
N ALA B 103 -16.50 28.80 -0.01
CA ALA B 103 -17.36 29.95 -0.34
C ALA B 103 -18.80 29.46 -0.46
N TYR B 104 -19.74 30.30 -0.04
CA TYR B 104 -21.19 30.08 -0.13
C TYR B 104 -21.64 31.04 -1.27
N ALA B 105 -22.26 30.53 -2.32
CA ALA B 105 -22.91 31.38 -3.33
C ALA B 105 -24.03 32.22 -2.70
N PRO B 106 -24.21 33.47 -3.14
CA PRO B 106 -25.26 34.37 -2.62
C PRO B 106 -26.66 33.82 -2.66
N SER B 107 -26.96 32.99 -3.65
CA SER B 107 -28.29 32.36 -3.82
C SER B 107 -28.57 31.28 -2.80
N GLY B 108 -27.51 30.71 -2.25
CA GLY B 108 -27.58 29.56 -1.38
C GLY B 108 -27.66 28.23 -2.13
N ASN B 109 -27.51 28.21 -3.45
CA ASN B 109 -27.65 26.99 -4.26
C ASN B 109 -26.36 26.19 -4.40
N TYR B 110 -25.22 26.85 -4.24
CA TYR B 110 -23.93 26.20 -4.38
C TYR B 110 -22.98 26.55 -3.25
N VAL B 111 -22.03 25.66 -2.95
CA VAL B 111 -20.77 26.09 -2.28
C VAL B 111 -19.60 25.76 -3.19
N ALA B 112 -18.47 26.38 -2.92
CA ALA B 112 -17.25 26.05 -3.56
C ALA B 112 -16.14 25.84 -2.57
N CYS B 113 -15.10 25.14 -3.00
CA CYS B 113 -13.92 24.96 -2.17
C CYS B 113 -12.76 24.49 -3.00
N GLY B 114 -11.60 24.44 -2.37
CA GLY B 114 -10.42 23.87 -3.05
C GLY B 114 -9.20 24.07 -2.21
N GLY B 115 -8.08 23.60 -2.71
CA GLY B 115 -6.81 23.75 -1.98
C GLY B 115 -5.59 23.29 -2.75
N LEU B 116 -4.84 22.37 -2.19
CA LEU B 116 -3.66 21.91 -2.86
C LEU B 116 -3.95 20.99 -4.09
N ASP B 117 -5.21 20.68 -4.39
CA ASP B 117 -5.56 20.02 -5.64
C ASP B 117 -5.48 21.00 -6.81
N ASN B 118 -5.31 22.29 -6.52
CA ASN B 118 -5.29 23.37 -7.49
C ASN B 118 -6.61 23.55 -8.27
N ILE B 119 -7.69 23.08 -7.68
CA ILE B 119 -8.98 23.08 -8.31
C ILE B 119 -10.02 23.85 -7.48
N CYS B 120 -10.94 24.55 -8.14
CA CYS B 120 -12.07 25.10 -7.42
C CYS B 120 -13.27 24.23 -7.79
N SER B 121 -13.71 23.42 -6.81
CA SER B 121 -14.81 22.56 -6.99
C SER B 121 -16.11 23.25 -6.58
N ILE B 122 -17.16 23.05 -7.37
CA ILE B 122 -18.46 23.67 -7.13
C ILE B 122 -19.45 22.57 -6.70
N TYR B 123 -20.17 22.75 -5.62
CA TYR B 123 -21.11 21.71 -5.16
C TYR B 123 -22.49 22.26 -5.28
N ASN B 124 -23.36 21.49 -5.93
CA ASN B 124 -24.76 21.80 -6.08
C ASN B 124 -25.39 21.24 -4.82
N LEU B 125 -26.02 22.12 -4.06
CA LEU B 125 -26.60 21.77 -2.81
C LEU B 125 -27.98 21.10 -2.92
N LYS B 126 -28.79 21.41 -3.94
CA LYS B 126 -30.05 20.66 -4.14
C LYS B 126 -30.21 20.23 -5.59
N THR B 127 -29.87 18.99 -5.92
CA THR B 127 -30.05 18.46 -7.29
C THR B 127 -31.54 18.26 -7.65
N ARG B 128 -31.78 17.90 -8.93
CA ARG B 128 -33.08 17.34 -9.38
C ARG B 128 -33.62 16.36 -8.33
N GLU B 129 -32.77 15.40 -7.96
CA GLU B 129 -33.08 14.28 -7.07
C GLU B 129 -33.20 14.70 -5.58
N GLY B 130 -32.41 15.70 -5.18
CA GLY B 130 -32.28 16.13 -3.78
C GLY B 130 -30.98 15.70 -3.12
N ASN B 131 -29.93 15.46 -3.91
CA ASN B 131 -28.61 15.09 -3.39
C ASN B 131 -27.55 16.20 -3.58
N VAL B 132 -26.46 16.06 -2.83
CA VAL B 132 -25.31 16.98 -2.90
C VAL B 132 -24.31 16.36 -3.87
N ARG B 133 -24.07 17.04 -4.98
CA ARG B 133 -23.17 16.52 -6.05
C ARG B 133 -22.11 17.57 -6.40
N VAL B 134 -20.92 17.10 -6.80
CA VAL B 134 -19.95 17.97 -7.45
C VAL B 134 -20.51 18.29 -8.80
N SER B 135 -20.72 19.56 -9.10
CA SER B 135 -21.28 19.93 -10.37
C SER B 135 -20.17 20.45 -11.30
N ARG B 136 -19.03 20.87 -10.77
CA ARG B 136 -17.99 21.37 -11.67
C ARG B 136 -16.69 21.37 -10.96
N GLU B 137 -15.63 21.03 -11.69
CA GLU B 137 -14.26 21.04 -11.18
C GLU B 137 -13.50 22.01 -12.01
N LEU B 138 -13.29 23.22 -11.50
CA LEU B 138 -12.59 24.28 -12.22
C LEU B 138 -11.05 24.14 -12.20
N ALA B 139 -10.51 23.71 -13.35
CA ALA B 139 -9.12 23.31 -13.49
C ALA B 139 -8.46 24.34 -14.35
N GLY B 140 -7.23 24.69 -14.01
CA GLY B 140 -6.56 25.72 -14.77
C GLY B 140 -5.46 26.43 -14.03
N HIS B 141 -5.69 26.72 -12.72
CA HIS B 141 -4.56 27.21 -11.92
C HIS B 141 -3.43 26.17 -11.94
N THR B 142 -2.26 26.70 -11.71
CA THR B 142 -0.96 26.07 -11.77
C THR B 142 -0.37 25.93 -10.36
N GLY B 143 -1.15 26.36 -9.35
CA GLY B 143 -0.81 26.21 -7.94
C GLY B 143 -2.10 26.30 -7.12
N TYR B 144 -1.94 26.27 -5.80
CA TYR B 144 -3.10 25.98 -4.94
C TYR B 144 -4.19 27.02 -4.95
N LEU B 145 -5.40 26.56 -4.65
CA LEU B 145 -6.52 27.42 -4.61
C LEU B 145 -6.47 28.07 -3.19
N SER B 146 -6.29 29.36 -3.08
CA SER B 146 -6.29 30.07 -1.74
C SER B 146 -7.60 30.72 -1.29
N CYS B 147 -8.44 31.16 -2.23
CA CYS B 147 -9.71 31.78 -1.89
C CYS B 147 -10.59 31.73 -3.11
N CYS B 148 -11.90 31.75 -2.87
CA CYS B 148 -12.83 31.79 -3.97
C CYS B 148 -14.10 32.47 -3.49
N ARG B 149 -14.73 33.30 -4.34
CA ARG B 149 -16.00 34.00 -4.02
C ARG B 149 -16.92 34.07 -5.22
N PHE B 150 -18.15 33.63 -5.08
CA PHE B 150 -19.11 33.66 -6.21
C PHE B 150 -19.57 35.08 -6.46
N LEU B 151 -19.68 35.46 -7.73
CA LEU B 151 -20.46 36.67 -8.11
C LEU B 151 -21.92 36.33 -8.20
N ASP B 152 -22.20 35.16 -8.77
CA ASP B 152 -23.55 34.66 -8.89
C ASP B 152 -23.42 33.18 -9.14
N ASP B 153 -24.53 32.50 -9.45
CA ASP B 153 -24.47 31.03 -9.69
C ASP B 153 -23.63 30.58 -10.87
N ASN B 154 -23.24 31.47 -11.79
CA ASN B 154 -22.43 31.08 -12.95
C ASN B 154 -21.03 31.71 -13.02
N GLN B 155 -20.64 32.48 -12.02
CA GLN B 155 -19.37 33.11 -12.08
C GLN B 155 -18.74 33.14 -10.70
N ILE B 156 -17.46 32.83 -10.67
CA ILE B 156 -16.68 32.84 -9.43
C ILE B 156 -15.27 33.34 -9.73
N VAL B 157 -14.75 34.05 -8.74
CA VAL B 157 -13.41 34.57 -8.72
C VAL B 157 -12.56 33.73 -7.77
N THR B 158 -11.36 33.37 -8.23
CA THR B 158 -10.43 32.57 -7.48
C THR B 158 -9.11 33.27 -7.33
N SER B 159 -8.38 32.94 -6.26
CA SER B 159 -7.00 33.33 -6.08
C SER B 159 -6.13 32.12 -5.83
N SER B 160 -4.84 32.23 -6.12
CA SER B 160 -3.99 31.01 -6.20
C SER B 160 -2.58 31.28 -5.85
N GLY B 161 -1.96 30.25 -5.30
CA GLY B 161 -0.48 30.09 -5.13
C GLY B 161 0.33 30.32 -6.41
N ASP B 162 -0.29 30.24 -7.58
CA ASP B 162 0.44 30.50 -8.85
C ASP B 162 0.61 31.99 -9.14
N THR B 163 0.16 32.85 -8.21
CA THR B 163 0.27 34.30 -8.25
C THR B 163 -0.79 35.03 -9.05
N THR B 164 -1.78 34.33 -9.57
CA THR B 164 -2.85 34.93 -10.28
C THR B 164 -4.15 34.76 -9.56
N CYS B 165 -5.11 35.58 -9.99
CA CYS B 165 -6.52 35.36 -9.71
C CYS B 165 -7.20 35.08 -11.05
N ALA B 166 -8.45 34.58 -10.99
CA ALA B 166 -9.22 34.46 -12.20
C ALA B 166 -10.68 34.48 -12.03
N LEU B 167 -11.35 34.87 -13.11
CA LEU B 167 -12.79 34.89 -13.21
C LEU B 167 -13.15 33.73 -14.07
N TRP B 168 -14.13 32.94 -13.61
CA TRP B 168 -14.50 31.69 -14.28
C TRP B 168 -15.93 31.75 -14.69
N ASP B 169 -16.23 31.08 -15.80
CA ASP B 169 -17.62 30.86 -16.24
C ASP B 169 -17.88 29.45 -15.78
N ILE B 170 -18.78 29.26 -14.82
CA ILE B 170 -18.93 27.92 -14.25
C ILE B 170 -19.43 26.88 -15.28
N GLU B 171 -20.37 27.28 -16.13
CA GLU B 171 -20.99 26.44 -17.18
C GLU B 171 -19.92 25.92 -18.13
N THR B 172 -19.02 26.76 -18.61
CA THR B 172 -18.00 26.30 -19.55
C THR B 172 -16.78 25.67 -18.89
N GLY B 173 -16.62 25.89 -17.57
CA GLY B 173 -15.46 25.45 -16.86
C GLY B 173 -14.21 26.23 -17.22
N GLN B 174 -14.34 27.39 -17.82
CA GLN B 174 -13.19 28.12 -18.35
C GLN B 174 -12.89 29.44 -17.63
N GLN B 175 -11.63 29.79 -17.50
CA GLN B 175 -11.24 31.12 -17.16
C GLN B 175 -11.63 32.11 -18.26
N THR B 176 -12.51 33.02 -17.93
CA THR B 176 -12.96 34.10 -18.78
C THR B 176 -11.92 35.26 -18.71
N THR B 177 -11.39 35.54 -17.52
CA THR B 177 -10.38 36.59 -17.35
C THR B 177 -9.35 36.09 -16.36
N THR B 178 -8.08 36.39 -16.65
CA THR B 178 -6.94 36.07 -15.78
C THR B 178 -6.32 37.37 -15.25
N PHE B 179 -6.18 37.48 -13.94
CA PHE B 179 -5.60 38.71 -13.32
C PHE B 179 -4.16 38.45 -12.91
N THR B 180 -3.26 39.01 -13.70
CA THR B 180 -1.84 38.74 -13.49
C THR B 180 -1.17 40.02 -13.05
N GLY B 181 -0.18 39.89 -12.21
CA GLY B 181 0.47 41.06 -11.66
C GLY B 181 1.18 40.83 -10.33
N HIS B 182 0.59 40.04 -9.41
CA HIS B 182 1.27 39.75 -8.13
C HIS B 182 2.53 38.98 -8.44
N THR B 183 3.54 39.11 -7.57
CA THR B 183 4.78 38.36 -7.73
C THR B 183 4.95 37.37 -6.59
N GLY B 184 3.92 37.13 -5.79
CA GLY B 184 3.95 36.04 -4.75
C GLY B 184 2.57 35.40 -4.69
N ASP B 185 2.49 34.30 -3.95
CA ASP B 185 1.21 33.58 -3.76
C ASP B 185 0.10 34.54 -3.36
N VAL B 186 -1.04 34.47 -4.06
CA VAL B 186 -2.20 35.24 -3.69
C VAL B 186 -2.92 34.45 -2.61
N MET B 187 -3.21 35.11 -1.51
CA MET B 187 -3.73 34.48 -0.30
C MET B 187 -5.18 34.75 -0.10
N SER B 188 -5.70 35.85 -0.62
CA SER B 188 -7.06 36.17 -0.26
C SER B 188 -7.65 37.16 -1.21
N LEU B 189 -8.96 37.17 -1.29
CA LEU B 189 -9.67 38.12 -2.13
C LEU B 189 -10.97 38.55 -1.51
N SER B 190 -11.43 39.74 -1.86
CA SER B 190 -12.72 40.23 -1.42
C SER B 190 -13.34 41.02 -2.55
N LEU B 191 -14.61 40.77 -2.82
CA LEU B 191 -15.40 41.44 -3.84
C LEU B 191 -16.00 42.73 -3.36
N ALA B 192 -15.92 43.82 -4.12
CA ALA B 192 -16.71 45.03 -3.81
C ALA B 192 -18.20 44.75 -3.73
N PRO B 193 -18.93 45.48 -2.89
CA PRO B 193 -20.39 45.27 -2.77
C PRO B 193 -21.18 45.25 -4.13
N ASP B 194 -20.76 46.06 -5.11
CA ASP B 194 -21.32 46.03 -6.47
C ASP B 194 -20.69 45.02 -7.54
N THR B 195 -19.66 44.31 -7.13
CA THR B 195 -18.95 43.30 -7.91
C THR B 195 -18.36 43.78 -9.25
N ARG B 196 -18.14 45.06 -9.44
CA ARG B 196 -17.33 45.50 -10.57
C ARG B 196 -15.80 45.46 -10.32
N LEU B 197 -15.42 45.49 -9.05
CA LEU B 197 -14.04 45.50 -8.61
C LEU B 197 -13.87 44.38 -7.60
N PHE B 198 -12.67 43.86 -7.44
CA PHE B 198 -12.28 43.04 -6.29
C PHE B 198 -10.88 43.43 -5.91
N VAL B 199 -10.51 43.14 -4.68
CA VAL B 199 -9.11 43.29 -4.20
C VAL B 199 -8.53 41.95 -3.79
N SER B 200 -7.20 41.82 -3.92
CA SER B 200 -6.45 40.62 -3.58
C SER B 200 -5.29 40.99 -2.71
N GLY B 201 -4.88 40.07 -1.83
CA GLY B 201 -3.74 40.30 -0.95
C GLY B 201 -2.84 39.15 -1.15
N ALA B 202 -1.53 39.40 -1.19
CA ALA B 202 -0.58 38.35 -1.53
C ALA B 202 0.65 38.33 -0.66
N CYS B 203 1.47 37.31 -0.91
CA CYS B 203 2.73 37.09 -0.21
C CYS B 203 3.80 38.00 -0.69
N ASP B 204 3.56 38.80 -1.72
CA ASP B 204 4.50 39.92 -2.08
C ASP B 204 4.28 41.18 -1.25
N ALA B 205 3.44 41.13 -0.23
CA ALA B 205 3.15 42.18 0.70
C ALA B 205 2.32 43.34 0.13
N SER B 206 1.72 43.13 -1.02
CA SER B 206 0.88 44.10 -1.61
C SER B 206 -0.57 43.61 -1.74
N ALA B 207 -1.46 44.58 -1.87
CA ALA B 207 -2.85 44.36 -2.22
C ALA B 207 -3.05 45.01 -3.58
N LYS B 208 -3.91 44.44 -4.42
CA LYS B 208 -4.27 45.08 -5.71
C LYS B 208 -5.76 45.11 -5.93
N LEU B 209 -6.19 46.22 -6.53
CA LEU B 209 -7.54 46.47 -6.91
C LEU B 209 -7.69 46.11 -8.38
N TRP B 210 -8.65 45.25 -8.69
CA TRP B 210 -8.89 44.79 -10.05
C TRP B 210 -10.27 45.13 -10.57
N ASP B 211 -10.33 45.42 -11.88
CA ASP B 211 -11.57 45.57 -12.63
C ASP B 211 -11.95 44.19 -13.14
N VAL B 212 -13.11 43.77 -12.69
CA VAL B 212 -13.64 42.47 -13.02
C VAL B 212 -13.89 42.32 -14.54
N ARG B 213 -14.64 43.27 -15.10
CA ARG B 213 -15.04 43.27 -16.51
C ARG B 213 -13.91 43.51 -17.49
N GLU B 214 -12.96 44.37 -17.16
CA GLU B 214 -11.93 44.73 -18.14
C GLU B 214 -10.58 44.05 -17.91
N GLY B 215 -10.40 43.32 -16.82
CA GLY B 215 -9.22 42.51 -16.65
C GLY B 215 -7.98 43.16 -16.10
N MET B 216 -7.97 44.46 -15.87
CA MET B 216 -6.71 45.11 -15.46
C MET B 216 -6.61 45.31 -13.93
N CYS B 217 -5.35 45.45 -13.50
CA CYS B 217 -5.02 45.99 -12.20
C CYS B 217 -5.14 47.51 -12.27
N ARG B 218 -6.10 48.06 -11.54
CA ARG B 218 -6.30 49.50 -11.47
C ARG B 218 -5.34 50.24 -10.48
N GLN B 219 -5.13 49.68 -9.27
CA GLN B 219 -4.26 50.28 -8.21
C GLN B 219 -3.52 49.20 -7.38
N THR B 220 -2.39 49.54 -6.82
CA THR B 220 -1.54 48.62 -6.08
C THR B 220 -1.25 49.27 -4.75
N PHE B 221 -1.40 48.56 -3.64
CA PHE B 221 -1.22 49.21 -2.31
C PHE B 221 -0.11 48.47 -1.59
N THR B 222 0.87 49.21 -1.11
CA THR B 222 1.99 48.70 -0.32
C THR B 222 2.03 49.26 1.08
N GLY B 223 2.91 48.73 1.91
CA GLY B 223 3.19 49.21 3.28
C GLY B 223 3.36 48.03 4.25
N HIS B 224 2.71 46.87 3.98
CA HIS B 224 2.87 45.73 4.87
C HIS B 224 4.30 45.23 4.72
N GLU B 225 4.84 44.69 5.80
CA GLU B 225 6.26 44.30 5.78
C GLU B 225 6.42 42.82 5.42
N SER B 226 5.33 42.12 5.21
CA SER B 226 5.30 40.70 5.12
C SER B 226 3.97 40.26 4.50
N ASP B 227 3.81 38.95 4.33
CA ASP B 227 2.62 38.40 3.68
C ASP B 227 1.29 39.02 4.13
N ILE B 228 0.46 39.33 3.17
CA ILE B 228 -0.93 39.63 3.46
C ILE B 228 -1.71 38.36 3.39
N ASN B 229 -2.32 37.97 4.51
CA ASN B 229 -3.08 36.71 4.57
C ASN B 229 -4.57 36.84 4.31
N ALA B 230 -5.07 38.07 4.39
CA ALA B 230 -6.52 38.32 4.48
C ALA B 230 -6.86 39.72 4.08
N ILE B 231 -8.04 39.89 3.50
CA ILE B 231 -8.45 41.20 3.01
C ILE B 231 -9.98 41.25 3.02
N CYS B 232 -10.52 42.45 3.21
N CYS B 232 -10.54 42.42 3.31
CA CYS B 232 -11.96 42.60 3.22
CA CYS B 232 -12.01 42.60 3.27
C CYS B 232 -12.33 44.06 2.95
C CYS B 232 -12.30 44.06 2.91
N PHE B 233 -13.34 44.26 2.11
CA PHE B 233 -13.84 45.59 1.77
C PHE B 233 -14.56 46.20 2.94
N PHE B 234 -14.33 47.50 3.16
CA PHE B 234 -15.20 48.32 3.97
C PHE B 234 -16.61 48.40 3.29
N PRO B 235 -17.70 48.45 4.06
CA PRO B 235 -19.00 48.16 3.49
C PRO B 235 -19.56 49.12 2.41
N ASN B 236 -19.08 50.37 2.32
CA ASN B 236 -19.45 51.20 1.18
C ASN B 236 -18.57 51.04 -0.08
N GLY B 237 -17.61 50.11 -0.09
CA GLY B 237 -16.81 49.88 -1.32
C GLY B 237 -15.66 50.83 -1.62
N ASN B 238 -15.35 51.77 -0.73
CA ASN B 238 -14.38 52.79 -1.07
C ASN B 238 -13.07 52.64 -0.36
N ALA B 239 -12.95 51.57 0.41
CA ALA B 239 -11.78 51.31 1.23
C ALA B 239 -11.80 49.82 1.52
N PHE B 240 -10.69 49.32 2.05
CA PHE B 240 -10.59 47.90 2.40
C PHE B 240 -9.53 47.72 3.44
N ALA B 241 -9.63 46.60 4.19
CA ALA B 241 -8.64 46.27 5.17
C ALA B 241 -7.88 45.00 4.85
N THR B 242 -6.62 44.96 5.25
CA THR B 242 -5.77 43.82 5.15
C THR B 242 -5.27 43.36 6.51
N GLY B 243 -4.99 42.06 6.62
CA GLY B 243 -4.25 41.49 7.73
C GLY B 243 -3.04 40.69 7.31
N SER B 244 -1.97 40.89 8.05
CA SER B 244 -0.65 40.41 7.62
C SER B 244 0.11 39.69 8.70
N ASP B 245 1.13 38.98 8.24
CA ASP B 245 2.11 38.29 9.06
C ASP B 245 2.91 39.29 9.81
N ASP B 246 2.97 40.55 9.40
CA ASP B 246 3.71 41.56 10.25
C ASP B 246 2.98 41.99 11.55
N ALA B 247 1.94 41.28 11.92
CA ALA B 247 1.17 41.56 13.14
C ALA B 247 0.33 42.81 13.09
N THR B 248 0.16 43.43 11.93
CA THR B 248 -0.72 44.57 11.80
C THR B 248 -1.92 44.30 10.90
N CYS B 249 -3.02 45.03 11.09
CA CYS B 249 -3.99 45.22 10.05
C CYS B 249 -3.87 46.62 9.55
N ARG B 250 -4.37 46.86 8.37
CA ARG B 250 -4.35 48.22 7.78
C ARG B 250 -5.55 48.52 6.97
N LEU B 251 -5.84 49.83 6.92
CA LEU B 251 -6.97 50.35 6.19
C LEU B 251 -6.42 51.10 5.03
N PHE B 252 -6.86 50.79 3.80
CA PHE B 252 -6.47 51.47 2.59
C PHE B 252 -7.69 52.12 1.93
N ASP B 253 -7.53 53.36 1.47
CA ASP B 253 -8.63 54.08 0.79
C ASP B 253 -8.43 54.09 -0.72
N LEU B 254 -9.46 53.81 -1.48
CA LEU B 254 -9.29 53.72 -2.98
C LEU B 254 -9.09 55.06 -3.67
N ARG B 255 -9.89 56.04 -3.28
CA ARG B 255 -9.90 57.36 -3.97
C ARG B 255 -8.73 58.21 -3.56
N ALA B 256 -8.32 58.13 -2.30
CA ALA B 256 -7.05 58.72 -1.87
C ALA B 256 -5.84 57.88 -2.25
N ASP B 257 -6.05 56.63 -2.64
CA ASP B 257 -5.00 55.77 -3.18
C ASP B 257 -3.87 55.54 -2.17
N GLN B 258 -4.23 55.35 -0.89
CA GLN B 258 -3.19 55.15 0.09
C GLN B 258 -3.73 54.60 1.40
N GLU B 259 -2.77 54.24 2.24
CA GLU B 259 -3.01 53.75 3.60
C GLU B 259 -3.57 54.88 4.45
N LEU B 260 -4.64 54.62 5.19
CA LEU B 260 -5.14 55.56 6.17
C LEU B 260 -4.81 55.27 7.60
N MET B 261 -4.62 53.99 7.97
CA MET B 261 -4.52 53.63 9.38
C MET B 261 -3.89 52.24 9.56
N THR B 262 -3.23 52.06 10.69
CA THR B 262 -2.54 50.82 11.09
C THR B 262 -3.15 50.40 12.41
N TYR B 263 -3.45 49.11 12.56
CA TYR B 263 -4.05 48.66 13.74
C TYR B 263 -3.09 47.62 14.31
N SER B 264 -2.47 47.97 15.42
CA SER B 264 -1.42 47.14 16.06
C SER B 264 -1.19 47.55 17.50
N HIS B 265 -0.45 46.72 18.20
CA HIS B 265 -0.20 46.89 19.62
C HIS B 265 1.12 46.20 19.84
N ASP B 266 1.95 46.81 20.70
CA ASP B 266 3.28 46.29 21.01
C ASP B 266 3.22 44.88 21.61
N ASN B 267 2.18 44.57 22.39
CA ASN B 267 1.92 43.16 22.81
C ASN B 267 1.34 42.13 21.82
N ILE B 268 1.11 42.50 20.57
CA ILE B 268 0.54 41.54 19.61
C ILE B 268 1.62 41.39 18.60
N ILE B 269 2.22 40.22 18.59
CA ILE B 269 3.39 39.96 17.76
C ILE B 269 3.14 38.87 16.71
N CYS B 270 2.02 38.19 16.74
N CYS B 270 1.98 38.20 16.80
CA CYS B 270 1.82 37.09 15.83
CA CYS B 270 1.60 37.00 16.04
C CYS B 270 1.10 37.61 14.61
C CYS B 270 0.79 37.43 14.80
N GLY B 271 0.90 36.72 13.67
CA GLY B 271 0.17 37.04 12.45
C GLY B 271 -1.36 37.09 12.50
N ILE B 272 -1.94 37.88 11.60
CA ILE B 272 -3.40 37.97 11.40
C ILE B 272 -3.75 37.02 10.30
N THR B 273 -4.82 36.26 10.50
CA THR B 273 -5.27 35.27 9.51
C THR B 273 -6.49 35.66 8.74
N SER B 274 -7.26 36.65 9.22
CA SER B 274 -8.65 36.79 8.83
C SER B 274 -9.12 38.18 9.23
N VAL B 275 -9.92 38.84 8.38
CA VAL B 275 -10.46 40.17 8.74
C VAL B 275 -11.86 40.31 8.27
N SER B 276 -12.64 41.10 8.96
CA SER B 276 -13.97 41.48 8.50
C SER B 276 -14.42 42.72 9.26
N PHE B 277 -15.19 43.55 8.60
CA PHE B 277 -15.87 44.66 9.26
C PHE B 277 -17.19 44.29 9.90
N SER B 278 -17.59 45.06 10.92
CA SER B 278 -18.98 45.03 11.43
C SER B 278 -19.88 45.75 10.38
N LYS B 279 -21.20 45.63 10.48
CA LYS B 279 -22.13 46.03 9.43
C LYS B 279 -21.95 47.51 9.08
N SER B 280 -21.74 48.37 10.06
CA SER B 280 -21.49 49.78 9.80
C SER B 280 -20.05 50.19 9.42
N GLY B 281 -19.11 49.28 9.59
CA GLY B 281 -17.72 49.58 9.29
C GLY B 281 -17.01 50.16 10.44
N ARG B 282 -17.70 50.37 11.59
CA ARG B 282 -17.01 50.98 12.71
C ARG B 282 -16.03 50.03 13.40
N LEU B 283 -16.31 48.72 13.39
CA LEU B 283 -15.44 47.74 14.03
C LEU B 283 -14.77 46.99 12.91
N LEU B 284 -13.48 46.71 13.09
CA LEU B 284 -12.71 45.79 12.30
C LEU B 284 -12.27 44.61 13.25
N LEU B 285 -12.73 43.44 12.91
CA LEU B 285 -12.46 42.21 13.66
C LEU B 285 -11.39 41.44 12.90
N ALA B 286 -10.38 40.95 13.62
CA ALA B 286 -9.32 40.19 13.01
C ALA B 286 -8.97 38.98 13.85
N GLY B 287 -8.65 37.88 13.17
CA GLY B 287 -8.20 36.65 13.80
C GLY B 287 -6.71 36.56 13.81
N TYR B 288 -6.14 35.95 14.85
CA TYR B 288 -4.72 35.93 15.15
C TYR B 288 -4.19 34.54 15.41
N ASP B 289 -2.94 34.34 15.15
CA ASP B 289 -2.30 33.10 15.44
C ASP B 289 -2.10 32.91 16.92
N ASP B 290 -2.44 33.90 17.79
CA ASP B 290 -2.33 33.69 19.23
C ASP B 290 -3.62 33.21 19.85
N PHE B 291 -4.59 32.87 19.03
CA PHE B 291 -5.79 32.14 19.42
C PHE B 291 -6.95 33.10 19.73
N ASN B 292 -6.71 34.39 19.59
CA ASN B 292 -7.72 35.42 19.72
C ASN B 292 -8.24 36.05 18.47
N CYS B 293 -9.39 36.70 18.67
CA CYS B 293 -9.93 37.63 17.73
C CYS B 293 -9.86 38.99 18.43
N ASN B 294 -9.21 39.99 17.82
CA ASN B 294 -9.18 41.33 18.41
C ASN B 294 -10.12 42.20 17.60
N VAL B 295 -10.82 43.09 18.30
CA VAL B 295 -11.81 43.96 17.73
C VAL B 295 -11.24 45.36 17.85
N TRP B 296 -11.05 46.00 16.70
CA TRP B 296 -10.50 47.34 16.53
C TRP B 296 -11.60 48.35 16.22
N ASP B 297 -11.46 49.55 16.81
CA ASP B 297 -12.18 50.74 16.36
C ASP B 297 -11.56 51.15 15.01
N ALA B 298 -12.31 50.92 13.93
CA ALA B 298 -11.74 51.18 12.60
C ALA B 298 -11.45 52.67 12.33
N LEU B 299 -12.21 53.54 13.01
CA LEU B 299 -12.03 55.00 12.89
C LEU B 299 -10.97 55.57 13.74
N LYS B 300 -10.75 55.00 14.90
CA LYS B 300 -9.85 55.63 15.81
C LYS B 300 -8.62 54.82 16.11
N ALA B 301 -8.59 53.53 15.73
CA ALA B 301 -7.42 52.65 15.87
C ALA B 301 -7.22 51.98 17.21
N ASP B 302 -8.07 52.22 18.18
CA ASP B 302 -7.90 51.64 19.49
C ASP B 302 -8.44 50.22 19.44
N ARG B 303 -7.82 49.39 20.24
CA ARG B 303 -8.33 48.07 20.46
C ARG B 303 -9.60 48.12 21.29
N ALA B 304 -10.74 47.66 20.81
CA ALA B 304 -11.95 47.76 21.64
C ALA B 304 -12.32 46.51 22.46
N GLY B 305 -11.86 45.35 22.06
CA GLY B 305 -12.23 44.12 22.72
C GLY B 305 -11.51 42.94 22.16
N VAL B 306 -11.74 41.77 22.79
CA VAL B 306 -11.00 40.54 22.50
C VAL B 306 -12.04 39.45 22.61
N LEU B 307 -12.07 38.51 21.68
CA LEU B 307 -12.84 37.28 21.80
C LEU B 307 -11.80 36.19 22.02
N ALA B 308 -11.83 35.56 23.18
CA ALA B 308 -10.82 34.60 23.56
C ALA B 308 -11.53 33.28 23.87
N GLY B 309 -11.82 32.51 22.86
CA GLY B 309 -12.57 31.30 23.09
C GLY B 309 -12.00 30.08 22.38
N HIS B 310 -10.75 30.12 21.95
CA HIS B 310 -10.22 28.99 21.15
C HIS B 310 -8.91 28.61 21.78
N ASP B 311 -8.60 27.33 21.65
CA ASP B 311 -7.36 26.75 22.16
C ASP B 311 -6.26 26.63 21.12
N ASN B 312 -6.43 27.24 19.95
CA ASN B 312 -5.37 27.25 18.94
C ASN B 312 -5.73 28.37 17.97
N ARG B 313 -4.93 28.56 16.92
CA ARG B 313 -5.09 29.64 15.96
C ARG B 313 -6.55 29.92 15.57
N VAL B 314 -6.95 31.19 15.54
CA VAL B 314 -8.16 31.57 14.93
C VAL B 314 -7.78 31.75 13.45
N SER B 315 -8.26 30.84 12.60
CA SER B 315 -7.83 30.76 11.22
C SER B 315 -8.75 31.48 10.27
N CYS B 316 -9.97 31.77 10.75
CA CYS B 316 -10.99 32.42 9.91
C CYS B 316 -12.08 33.04 10.75
N LEU B 317 -12.80 33.98 10.16
CA LEU B 317 -13.93 34.62 10.76
C LEU B 317 -14.84 35.30 9.74
N GLY B 318 -15.99 35.78 10.20
CA GLY B 318 -16.90 36.50 9.34
C GLY B 318 -18.09 37.05 10.12
N VAL B 319 -18.53 38.23 9.71
CA VAL B 319 -19.69 38.88 10.32
C VAL B 319 -20.87 38.62 9.41
N THR B 320 -22.00 38.30 9.97
CA THR B 320 -23.18 38.06 9.14
C THR B 320 -23.58 39.31 8.40
N ASP B 321 -24.29 39.14 7.26
CA ASP B 321 -24.85 40.33 6.51
C ASP B 321 -25.82 41.18 7.33
N ASP B 322 -26.58 40.57 8.24
CA ASP B 322 -27.49 41.36 9.12
C ASP B 322 -26.74 42.01 10.33
N GLY B 323 -25.44 41.76 10.44
CA GLY B 323 -24.61 42.34 11.47
C GLY B 323 -24.81 41.72 12.83
N MET B 324 -25.64 40.69 12.97
CA MET B 324 -26.00 40.18 14.31
C MET B 324 -24.93 39.38 14.98
N ALA B 325 -24.07 38.72 14.24
CA ALA B 325 -23.06 37.89 14.90
C ALA B 325 -21.73 37.79 14.17
N VAL B 326 -20.71 37.37 14.91
CA VAL B 326 -19.43 37.03 14.28
C VAL B 326 -19.15 35.54 14.50
N ALA B 327 -18.75 34.84 13.43
CA ALA B 327 -18.22 33.49 13.55
C ALA B 327 -16.67 33.52 13.59
N THR B 328 -16.06 32.71 14.49
CA THR B 328 -14.63 32.45 14.53
C THR B 328 -14.43 30.95 14.26
N GLY B 329 -13.44 30.60 13.44
CA GLY B 329 -13.07 29.20 13.20
C GLY B 329 -11.61 29.02 13.59
N SER B 330 -11.28 27.86 14.08
CA SER B 330 -9.95 27.65 14.67
C SER B 330 -9.30 26.31 14.26
N TRP B 331 -7.97 26.30 14.31
CA TRP B 331 -7.16 25.06 14.42
C TRP B 331 -7.54 24.07 15.53
N ASP B 332 -8.29 24.54 16.53
CA ASP B 332 -8.85 23.62 17.52
C ASP B 332 -10.07 22.84 17.08
N SER B 333 -10.46 22.94 15.82
CA SER B 333 -11.54 22.18 15.25
C SER B 333 -12.93 22.70 15.51
N PHE B 334 -13.06 23.81 16.25
CA PHE B 334 -14.40 24.46 16.54
C PHE B 334 -14.64 25.76 15.81
N LEU B 335 -15.89 26.03 15.47
CA LEU B 335 -16.33 27.40 15.29
C LEU B 335 -17.19 27.87 16.50
N LYS B 336 -17.13 29.16 16.77
CA LYS B 336 -17.98 29.81 17.77
C LYS B 336 -18.66 31.00 17.14
N ILE B 337 -19.91 31.19 17.52
CA ILE B 337 -20.73 32.30 17.11
C ILE B 337 -20.89 33.21 18.31
N TRP B 338 -20.58 34.50 18.12
CA TRP B 338 -20.50 35.43 19.18
C TRP B 338 -21.39 36.69 18.93
N ASN B 339 -21.99 37.21 20.01
CA ASN B 339 -22.44 38.59 20.03
C ASN B 339 -22.75 39.01 21.49
N SER C 1 13.91 40.42 -18.65
CA SER C 1 13.09 40.42 -19.91
C SER C 1 12.63 41.84 -20.30
N ILE C 2 12.80 42.22 -21.56
CA ILE C 2 12.39 43.54 -22.07
C ILE C 2 10.87 43.65 -22.28
N ALA C 3 10.21 42.53 -22.58
CA ALA C 3 8.75 42.55 -22.76
C ALA C 3 8.08 42.81 -21.38
N GLN C 4 8.53 42.05 -20.39
CA GLN C 4 8.17 42.18 -18.97
C GLN C 4 8.33 43.62 -18.41
N ALA C 5 9.51 44.19 -18.59
CA ALA C 5 9.81 45.54 -18.10
C ALA C 5 8.99 46.62 -18.79
N ARG C 6 8.63 46.41 -20.07
CA ARG C 6 7.75 47.35 -20.83
C ARG C 6 6.29 47.26 -20.36
N LYS C 7 5.85 46.04 -20.14
CA LYS C 7 4.62 45.76 -19.47
C LYS C 7 4.55 46.46 -18.07
N LEU C 8 5.63 46.46 -17.30
CA LEU C 8 5.67 47.15 -16.01
C LEU C 8 5.52 48.65 -16.17
N VAL C 9 6.23 49.22 -17.13
CA VAL C 9 6.04 50.60 -17.44
C VAL C 9 4.60 50.94 -17.82
N GLU C 10 4.01 50.18 -18.74
CA GLU C 10 2.65 50.50 -19.18
C GLU C 10 1.70 50.47 -17.95
N GLN C 11 1.84 49.41 -17.14
CA GLN C 11 1.09 49.23 -15.94
C GLN C 11 1.21 50.43 -14.98
N LEU C 12 2.43 50.77 -14.62
CA LEU C 12 2.66 51.93 -13.76
C LEU C 12 2.10 53.24 -14.32
N LYS C 13 2.14 53.41 -15.63
CA LYS C 13 1.53 54.57 -16.25
C LYS C 13 0.00 54.56 -15.99
N MET C 14 -0.69 53.42 -16.16
CA MET C 14 -2.13 53.32 -15.79
C MET C 14 -2.33 53.70 -14.32
N GLU C 15 -1.49 53.16 -13.42
CA GLU C 15 -1.59 53.46 -11.98
C GLU C 15 -1.36 54.96 -11.68
N ALA C 16 -0.45 55.61 -12.39
CA ALA C 16 -0.12 57.03 -12.12
C ALA C 16 -1.24 58.01 -12.55
N ASN C 17 -1.96 57.66 -13.60
CA ASN C 17 -2.84 58.61 -14.28
C ASN C 17 -4.25 58.36 -13.81
N ILE C 18 -4.46 58.53 -12.52
CA ILE C 18 -5.76 58.43 -11.92
C ILE C 18 -5.97 59.70 -11.10
N ASP C 19 -7.22 60.07 -10.93
CA ASP C 19 -7.64 61.19 -10.06
C ASP C 19 -7.65 60.73 -8.58
N ARG C 20 -7.05 61.49 -7.68
CA ARG C 20 -6.97 61.15 -6.28
C ARG C 20 -7.63 62.28 -5.51
N ILE C 21 -8.31 61.94 -4.40
CA ILE C 21 -8.86 62.94 -3.51
C ILE C 21 -7.99 63.09 -2.29
N LYS C 22 -8.21 64.19 -1.57
CA LYS C 22 -7.49 64.48 -0.34
C LYS C 22 -7.88 63.44 0.72
N VAL C 23 -6.92 63.04 1.55
CA VAL C 23 -7.17 62.17 2.68
C VAL C 23 -8.25 62.79 3.58
N SER C 24 -8.17 64.09 3.86
CA SER C 24 -9.14 64.70 4.77
C SER C 24 -10.56 64.45 4.27
N LYS C 25 -10.78 64.49 2.98
CA LYS C 25 -12.12 64.20 2.47
C LYS C 25 -12.44 62.70 2.46
N ALA C 26 -11.48 61.85 2.10
CA ALA C 26 -11.74 60.41 2.11
C ALA C 26 -12.11 59.94 3.56
N ALA C 27 -11.37 60.43 4.53
CA ALA C 27 -11.61 60.13 5.93
C ALA C 27 -12.96 60.63 6.43
N ALA C 28 -13.34 61.87 6.03
CA ALA C 28 -14.63 62.41 6.42
C ALA C 28 -15.77 61.55 5.86
N ASP C 29 -15.60 61.03 4.67
CA ASP C 29 -16.62 60.16 4.07
C ASP C 29 -16.75 58.83 4.84
N LEU C 30 -15.64 58.22 5.25
CA LEU C 30 -15.72 56.97 6.04
C LEU C 30 -16.43 57.25 7.35
N MET C 31 -16.02 58.31 8.02
CA MET C 31 -16.66 58.70 9.31
C MET C 31 -18.16 58.89 9.18
N ALA C 32 -18.57 59.61 8.12
CA ALA C 32 -19.99 59.91 7.87
C ALA C 32 -20.72 58.62 7.60
N TYR C 33 -20.10 57.69 6.86
CA TYR C 33 -20.73 56.41 6.61
C TYR C 33 -20.98 55.64 7.93
N CYS C 34 -19.96 55.55 8.79
CA CYS C 34 -20.11 54.84 10.07
C CYS C 34 -21.22 55.49 10.90
N GLU C 35 -21.24 56.83 10.95
CA GLU C 35 -22.25 57.57 11.71
C GLU C 35 -23.69 57.39 11.23
N ALA C 36 -23.87 57.31 9.93
CA ALA C 36 -25.19 57.09 9.37
C ALA C 36 -25.68 55.68 9.62
N HIS C 37 -24.77 54.75 9.85
CA HIS C 37 -25.16 53.34 10.00
C HIS C 37 -24.92 52.79 11.41
N ALA C 38 -24.47 53.63 12.36
CA ALA C 38 -24.18 53.16 13.72
C ALA C 38 -25.35 52.44 14.42
N LYS C 39 -26.56 53.00 14.31
CA LYS C 39 -27.72 52.42 15.02
C LYS C 39 -28.22 51.09 14.46
N GLU C 40 -27.92 50.79 13.20
CA GLU C 40 -28.30 49.50 12.62
C GLU C 40 -27.16 48.43 12.81
N ASP C 41 -26.08 48.74 13.53
CA ASP C 41 -24.97 47.82 13.73
C ASP C 41 -25.07 47.11 15.11
N PRO C 42 -25.56 45.86 15.14
CA PRO C 42 -25.75 45.12 16.34
C PRO C 42 -24.49 44.78 17.14
N LEU C 43 -23.29 44.81 16.55
CA LEU C 43 -22.08 44.52 17.38
C LEU C 43 -21.62 45.75 18.12
N LEU C 44 -22.17 46.86 17.73
CA LEU C 44 -21.76 48.13 18.19
C LEU C 44 -22.80 48.53 19.19
N THR C 45 -24.07 48.55 18.71
CA THR C 45 -25.31 48.97 19.39
C THR C 45 -26.11 47.69 19.81
N PRO C 46 -25.63 46.92 20.88
CA PRO C 46 -26.22 45.63 21.30
C PRO C 46 -27.71 45.63 21.40
N VAL C 47 -28.37 44.62 20.80
CA VAL C 47 -29.83 44.64 20.69
C VAL C 47 -30.49 43.96 21.88
N PRO C 48 -31.78 44.29 22.10
CA PRO C 48 -32.51 43.51 23.12
C PRO C 48 -32.50 42.01 22.79
N ALA C 49 -32.46 41.19 23.82
CA ALA C 49 -32.42 39.75 23.71
C ALA C 49 -33.48 39.19 22.73
N SER C 50 -34.68 39.78 22.82
CA SER C 50 -35.82 39.45 21.94
C SER C 50 -35.59 39.68 20.43
N GLU C 51 -34.75 40.64 20.04
CA GLU C 51 -34.39 40.80 18.61
C GLU C 51 -33.14 40.00 18.13
N ASN C 52 -32.52 39.25 19.05
CA ASN C 52 -31.23 38.64 18.84
C ASN C 52 -31.53 37.19 18.62
N PRO C 53 -31.35 36.70 17.37
CA PRO C 53 -31.59 35.30 17.05
C PRO C 53 -30.84 34.28 17.93
N PHE C 54 -29.68 34.66 18.48
CA PHE C 54 -28.82 33.77 19.19
C PHE C 54 -28.99 33.83 20.74
N ARG C 55 -30.02 34.50 21.25
CA ARG C 55 -30.35 34.50 22.69
C ARG C 55 -31.83 34.19 22.94
N GLU C 56 -32.07 33.48 24.07
CA GLU C 56 -33.42 33.13 24.62
C GLU C 56 -34.45 32.71 23.57
N LYS C 57 -34.27 31.53 22.99
CA LYS C 57 -35.04 31.18 21.79
C LYS C 57 -34.67 29.82 21.22
N LYS C 58 -35.70 28.99 21.05
CA LYS C 58 -35.63 27.62 20.47
C LYS C 58 -36.42 27.45 19.14
N PHE C 59 -37.46 28.27 18.91
CA PHE C 59 -38.40 28.12 17.76
C PHE C 59 -37.91 29.00 16.59
N PHE C 60 -37.45 28.35 15.52
CA PHE C 60 -37.00 29.00 14.27
C PHE C 60 -37.75 28.46 13.03
N CYS C 61 -37.58 29.15 11.91
CA CYS C 61 -38.29 28.89 10.63
C CYS C 61 -37.82 27.64 9.78
N ALA C 62 -37.73 27.77 8.43
CA ALA C 62 -37.03 26.83 7.50
C ALA C 62 -36.30 25.65 8.17
#